data_7OWN
#
_entry.id   7OWN
#
_cell.length_a   79.689
_cell.length_b   178.442
_cell.length_c   58.248
_cell.angle_alpha   90.000
_cell.angle_beta   90.000
_cell.angle_gamma   90.000
#
_symmetry.space_group_name_H-M   'P 21 21 2'
#
loop_
_entity.id
_entity.type
_entity.pdbx_description
1 polymer 'Glycylpeptide N-tetradecanoyltransferase 1'
2 polymer ALA-LYS-SER-PHE-SER-LYS-PRO-ARG
3 non-polymer GLYCEROL
4 non-polymer TETRADECANOYL-COA
5 water water
#
loop_
_entity_poly.entity_id
_entity_poly.type
_entity_poly.pdbx_seq_one_letter_code
_entity_poly.pdbx_strand_id
1 'polypeptide(L)'
;GGSEFSVGQGPAKTMEEASKRSYQFWDTQPVPKLGEVVNTHGPVEPDKDNIRQEPYTLPQGFTWDALDLGDRGVLKELYT
LLNENYVEDDDNMFRFDYSPEFLLWALRPPGWLPQWHCGVRVVSSRKLVGFISAIPANIHIYDTEKKMVEINFLCVHKKL
RSKRVAPVLIREITRRVHLEGIFQAVYTAGVVLPKPVGTCRYWHRSLNPRKLIEVKFSHLSRNMTMQRTMKLYRLPETPK
TAGLRPMETKDIPVVHQLLTRYLKQFHLTPVMSQEEVEHWFYPQENIIDTFVVENANGEVTDFLSFYTLPSTIMNHPTHK
SLKAAYSFYNVHTQTPLLDLMSDALVLAKMKGFDVFNALDLMENKTFLEKLKFGIGDGNLQYYLYNWKCPSMGAEKVGLV
LQ
;
A,B
2 'polypeptide(L)' AKSFSKPR D
#
# COMPACT_ATOMS: atom_id res chain seq x y z
N GLY A 10 -12.76 25.67 -22.01
CA GLY A 10 -11.61 26.17 -22.72
C GLY A 10 -10.29 25.46 -22.45
N PRO A 11 -10.14 24.23 -22.95
CA PRO A 11 -8.87 23.52 -22.80
C PRO A 11 -7.87 24.01 -23.82
N ALA A 12 -6.64 23.50 -23.70
CA ALA A 12 -5.55 23.86 -24.60
C ALA A 12 -4.77 22.61 -24.97
N LYS A 13 -4.59 22.40 -26.28
CA LYS A 13 -3.93 21.18 -26.76
C LYS A 13 -2.46 21.40 -27.10
N THR A 14 -2.01 22.65 -27.27
CA THR A 14 -0.64 22.94 -27.63
C THR A 14 0.03 23.82 -26.58
N MET A 15 1.37 23.86 -26.64
CA MET A 15 2.18 24.32 -25.51
C MET A 15 2.28 25.83 -25.43
N GLU A 16 2.26 26.53 -26.56
CA GLU A 16 2.25 27.99 -26.55
C GLU A 16 0.83 28.55 -26.51
N GLU A 17 -0.17 27.73 -26.83
CA GLU A 17 -1.57 28.13 -26.72
C GLU A 17 -2.06 28.06 -25.27
N ALA A 18 -1.45 27.20 -24.46
CA ALA A 18 -1.69 27.19 -23.02
C ALA A 18 -0.96 28.31 -22.30
N SER A 19 0.05 28.90 -22.95
CA SER A 19 0.75 30.04 -22.35
C SER A 19 -0.15 31.26 -22.28
N LYS A 20 -1.12 31.37 -23.18
CA LYS A 20 -2.06 32.48 -23.22
C LYS A 20 -3.29 32.26 -22.34
N ARG A 21 -3.28 31.22 -21.50
CA ARG A 21 -4.44 30.89 -20.68
C ARG A 21 -4.15 31.10 -19.20
N SER A 22 -5.21 31.38 -18.46
CA SER A 22 -5.16 31.57 -17.02
C SER A 22 -5.70 30.30 -16.35
N TYR A 23 -4.96 29.80 -15.36
CA TYR A 23 -5.29 28.52 -14.73
C TYR A 23 -5.83 28.80 -13.33
N GLN A 24 -7.11 29.14 -13.28
CA GLN A 24 -7.78 29.50 -12.03
C GLN A 24 -7.63 28.38 -11.00
N PHE A 25 -7.89 27.15 -11.40
CA PHE A 25 -7.76 26.05 -10.44
C PHE A 25 -6.30 25.64 -10.26
N TRP A 26 -5.58 25.39 -11.36
CA TRP A 26 -4.27 24.79 -11.23
C TRP A 26 -3.25 25.72 -10.57
N ASP A 27 -3.46 27.05 -10.61
CA ASP A 27 -2.62 27.96 -9.84
C ASP A 27 -2.75 27.75 -8.34
N THR A 28 -3.85 27.18 -7.87
CA THR A 28 -4.02 26.92 -6.43
C THR A 28 -3.35 25.62 -5.97
N GLN A 29 -2.80 24.82 -6.91
CA GLN A 29 -2.38 23.45 -6.68
C GLN A 29 -0.86 23.35 -6.59
N PRO A 30 -0.34 22.35 -5.88
CA PRO A 30 1.13 22.28 -5.73
C PRO A 30 1.78 21.60 -6.92
N VAL A 31 1.76 22.30 -8.05
CA VAL A 31 2.44 21.88 -9.27
C VAL A 31 3.24 23.07 -9.79
N PRO A 32 4.34 22.85 -10.51
CA PRO A 32 5.09 24.00 -11.05
C PRO A 32 4.23 24.77 -12.05
N LYS A 33 4.62 26.03 -12.26
CA LYS A 33 3.93 26.90 -13.20
C LYS A 33 4.35 26.58 -14.63
N LEU A 34 3.43 26.82 -15.57
CA LEU A 34 3.71 26.47 -16.96
C LEU A 34 4.95 27.17 -17.49
N GLY A 35 5.18 28.42 -17.07
CA GLY A 35 6.36 29.15 -17.52
C GLY A 35 7.63 28.81 -16.77
N GLU A 36 7.51 28.40 -15.50
CA GLU A 36 8.62 27.96 -14.67
C GLU A 36 9.52 26.98 -15.42
N VAL A 37 10.82 27.03 -15.14
CA VAL A 37 11.77 26.00 -15.54
C VAL A 37 12.36 25.41 -14.26
N VAL A 38 12.34 24.08 -14.15
CA VAL A 38 12.65 23.38 -12.90
C VAL A 38 14.07 22.88 -12.96
N ASN A 39 14.90 23.36 -12.04
CA ASN A 39 16.27 22.89 -11.86
C ASN A 39 16.46 22.28 -10.48
N THR A 40 15.42 21.63 -9.97
CA THR A 40 15.45 21.03 -8.63
C THR A 40 14.66 19.73 -8.64
N HIS A 41 14.79 18.95 -7.56
CA HIS A 41 14.13 17.67 -7.39
C HIS A 41 13.52 17.61 -6.00
N GLY A 42 12.18 17.59 -5.91
CA GLY A 42 11.54 17.37 -4.63
C GLY A 42 10.09 17.76 -4.58
N PRO A 43 9.45 17.55 -3.43
CA PRO A 43 8.04 17.93 -3.26
C PRO A 43 7.84 19.42 -3.47
N VAL A 44 6.67 19.77 -4.03
CA VAL A 44 6.31 21.19 -4.12
C VAL A 44 6.02 21.74 -2.74
N GLU A 45 5.42 20.94 -1.87
CA GLU A 45 5.03 21.38 -0.53
C GLU A 45 5.19 20.22 0.43
N PRO A 46 5.37 20.49 1.72
CA PRO A 46 5.54 19.39 2.69
C PRO A 46 4.27 18.55 2.81
N ASP A 47 4.47 17.31 3.23
CA ASP A 47 3.33 16.46 3.56
C ASP A 47 2.49 17.13 4.65
N LYS A 48 1.18 17.06 4.48
CA LYS A 48 0.27 17.64 5.46
C LYS A 48 0.07 16.66 6.61
N ASP A 49 0.22 17.13 7.85
CA ASP A 49 0.02 16.22 8.98
C ASP A 49 -1.35 16.31 9.63
N ASN A 50 -2.26 17.11 9.07
CA ASN A 50 -3.68 17.00 9.40
C ASN A 50 -4.48 17.22 8.13
N ILE A 51 -5.46 16.35 7.89
CA ILE A 51 -6.21 16.32 6.64
C ILE A 51 -7.68 16.59 6.91
N ARG A 52 -8.29 17.43 6.08
CA ARG A 52 -9.72 17.70 6.17
C ARG A 52 -10.53 16.40 6.19
N GLN A 53 -11.38 16.26 7.21
CA GLN A 53 -12.14 15.05 7.40
C GLN A 53 -13.44 15.01 6.61
N GLU A 54 -13.95 16.17 6.20
CA GLU A 54 -15.24 16.19 5.54
C GLU A 54 -15.08 16.26 4.03
N PRO A 55 -15.94 15.57 3.28
CA PRO A 55 -15.86 15.66 1.83
C PRO A 55 -16.15 17.09 1.37
N TYR A 56 -15.52 17.49 0.28
CA TYR A 56 -15.83 18.79 -0.31
C TYR A 56 -17.29 18.83 -0.75
N THR A 57 -17.90 20.01 -0.64
CA THR A 57 -19.31 20.15 -0.98
C THR A 57 -19.49 20.22 -2.49
N LEU A 58 -20.46 19.47 -2.99
CA LEU A 58 -20.88 19.50 -4.37
C LEU A 58 -22.01 20.51 -4.55
N PRO A 59 -22.27 20.95 -5.79
CA PRO A 59 -23.43 21.81 -6.01
C PRO A 59 -24.71 21.10 -5.57
N GLN A 60 -25.72 21.91 -5.30
CA GLN A 60 -26.97 21.41 -4.74
C GLN A 60 -27.57 20.36 -5.66
N GLY A 61 -28.05 19.27 -5.07
CA GLY A 61 -28.70 18.22 -5.84
C GLY A 61 -27.83 17.06 -6.24
N PHE A 62 -26.57 17.05 -5.81
CA PHE A 62 -25.62 16.00 -6.18
C PHE A 62 -24.96 15.47 -4.92
N THR A 63 -24.55 14.21 -4.95
CA THR A 63 -23.98 13.60 -3.78
C THR A 63 -22.85 12.67 -4.17
N TRP A 64 -21.87 12.58 -3.27
CA TRP A 64 -20.80 11.59 -3.39
C TRP A 64 -21.36 10.19 -3.25
N ASP A 65 -20.77 9.25 -4.00
CA ASP A 65 -21.04 7.84 -3.79
C ASP A 65 -19.85 7.04 -4.27
N ALA A 66 -19.24 6.25 -3.37
CA ALA A 66 -18.19 5.34 -3.77
C ALA A 66 -18.79 4.15 -4.52
N LEU A 67 -18.14 3.77 -5.61
CA LEU A 67 -18.70 2.75 -6.50
C LEU A 67 -18.07 1.40 -6.19
N ASP A 68 -18.89 0.46 -5.75
CA ASP A 68 -18.49 -0.93 -5.58
C ASP A 68 -18.50 -1.57 -6.96
N LEU A 69 -17.34 -1.63 -7.60
CA LEU A 69 -17.28 -2.22 -8.93
C LEU A 69 -17.43 -3.73 -8.89
N GLY A 70 -17.45 -4.32 -7.69
CA GLY A 70 -17.83 -5.72 -7.54
C GLY A 70 -19.30 -5.97 -7.77
N ASP A 71 -20.13 -4.93 -7.67
CA ASP A 71 -21.55 -5.02 -8.01
C ASP A 71 -21.71 -4.84 -9.52
N ARG A 72 -22.20 -5.88 -10.20
CA ARG A 72 -22.27 -5.85 -11.66
C ARG A 72 -23.10 -4.67 -12.15
N GLY A 73 -24.19 -4.35 -11.45
CA GLY A 73 -25.03 -3.23 -11.87
C GLY A 73 -24.32 -1.89 -11.75
N VAL A 74 -23.56 -1.70 -10.67
CA VAL A 74 -22.80 -0.45 -10.50
C VAL A 74 -21.71 -0.33 -11.55
N LEU A 75 -20.98 -1.41 -11.80
CA LEU A 75 -19.96 -1.39 -12.84
C LEU A 75 -20.57 -1.01 -14.18
N LYS A 76 -21.77 -1.52 -14.46
CA LYS A 76 -22.44 -1.20 -15.73
C LYS A 76 -22.79 0.28 -15.79
N GLU A 77 -23.16 0.88 -14.65
CA GLU A 77 -23.44 2.32 -14.66
C GLU A 77 -22.19 3.11 -14.97
N LEU A 78 -21.05 2.72 -14.40
CA LEU A 78 -19.80 3.39 -14.73
C LEU A 78 -19.41 3.17 -16.19
N TYR A 79 -19.55 1.94 -16.68
CA TYR A 79 -19.32 1.70 -18.11
C TYR A 79 -20.14 2.67 -18.96
N THR A 80 -21.43 2.80 -18.65
CA THR A 80 -22.30 3.66 -19.45
C THR A 80 -21.89 5.12 -19.34
N LEU A 81 -21.53 5.60 -18.14
CA LEU A 81 -21.07 6.98 -18.01
C LEU A 81 -19.85 7.24 -18.88
N LEU A 82 -18.87 6.33 -18.82
CA LEU A 82 -17.68 6.50 -19.63
C LEU A 82 -17.99 6.31 -21.11
N ASN A 83 -18.78 5.29 -21.45
CA ASN A 83 -19.14 5.04 -22.85
C ASN A 83 -19.79 6.26 -23.50
N GLU A 84 -20.59 7.01 -22.74
CA GLU A 84 -21.30 8.14 -23.31
C GLU A 84 -20.60 9.48 -23.12
N ASN A 85 -19.70 9.61 -22.15
CA ASN A 85 -19.17 10.92 -21.78
C ASN A 85 -17.66 11.03 -21.67
N TYR A 86 -16.90 9.95 -21.94
CA TYR A 86 -15.47 9.99 -21.71
C TYR A 86 -14.76 10.58 -22.94
N VAL A 87 -13.46 10.32 -23.07
CA VAL A 87 -12.60 11.08 -23.97
C VAL A 87 -12.99 10.81 -25.42
N GLU A 88 -13.14 11.88 -26.20
CA GLU A 88 -13.31 11.83 -27.64
C GLU A 88 -12.08 12.41 -28.35
N ASP A 89 -11.96 12.08 -29.64
CA ASP A 89 -10.90 12.69 -30.42
C ASP A 89 -11.23 14.16 -30.68
N ASP A 90 -10.25 14.88 -31.27
CA ASP A 90 -10.46 16.31 -31.54
C ASP A 90 -11.62 16.57 -32.49
N ASP A 91 -12.01 15.59 -33.30
CA ASP A 91 -13.02 15.78 -34.33
C ASP A 91 -14.41 15.35 -33.89
N ASN A 92 -14.56 14.83 -32.67
CA ASN A 92 -15.84 14.32 -32.17
C ASN A 92 -16.40 13.23 -33.08
N MET A 93 -15.50 12.33 -33.51
CA MET A 93 -15.91 11.21 -34.32
C MET A 93 -15.75 9.87 -33.61
N PHE A 94 -14.91 9.81 -32.58
CA PHE A 94 -14.59 8.58 -31.89
C PHE A 94 -14.55 8.86 -30.39
N ARG A 95 -15.04 7.90 -29.59
CA ARG A 95 -14.99 7.99 -28.14
C ARG A 95 -14.52 6.66 -27.58
N PHE A 96 -13.64 6.71 -26.57
CA PHE A 96 -13.19 5.48 -25.92
C PHE A 96 -14.39 4.68 -25.42
N ASP A 97 -14.27 3.36 -25.52
CA ASP A 97 -15.32 2.42 -25.11
C ASP A 97 -14.72 1.34 -24.21
N TYR A 98 -14.19 1.77 -23.06
CA TYR A 98 -13.65 0.84 -22.07
C TYR A 98 -14.71 -0.18 -21.66
N SER A 99 -14.39 -1.46 -21.73
CA SER A 99 -15.35 -2.49 -21.37
C SER A 99 -15.46 -2.61 -19.85
N PRO A 100 -16.57 -3.20 -19.34
CA PRO A 100 -16.67 -3.42 -17.88
C PRO A 100 -15.53 -4.25 -17.32
N GLU A 101 -15.15 -5.33 -18.03
CA GLU A 101 -14.06 -6.17 -17.56
C GLU A 101 -12.72 -5.45 -17.61
N PHE A 102 -12.51 -4.62 -18.63
CA PHE A 102 -11.32 -3.77 -18.66
C PHE A 102 -11.28 -2.84 -17.45
N LEU A 103 -12.41 -2.20 -17.15
CA LEU A 103 -12.44 -1.25 -16.04
C LEU A 103 -12.10 -1.94 -14.73
N LEU A 104 -12.52 -3.21 -14.57
CA LEU A 104 -12.19 -3.97 -13.38
C LEU A 104 -10.69 -4.22 -13.29
N TRP A 105 -10.08 -4.58 -14.43
CA TRP A 105 -8.63 -4.73 -14.51
C TRP A 105 -7.91 -3.45 -14.14
N ALA A 106 -8.37 -2.33 -14.68
CA ALA A 106 -7.67 -1.07 -14.47
C ALA A 106 -7.86 -0.52 -13.07
N LEU A 107 -9.03 -0.78 -12.47
CA LEU A 107 -9.39 -0.10 -11.23
C LEU A 107 -9.25 -0.98 -10.00
N ARG A 108 -9.05 -2.28 -10.17
CA ARG A 108 -8.79 -3.09 -8.99
C ARG A 108 -7.45 -3.80 -9.05
N PRO A 109 -6.34 -3.10 -9.27
CA PRO A 109 -5.04 -3.75 -9.14
C PRO A 109 -4.73 -3.98 -7.68
N PRO A 110 -3.65 -4.69 -7.35
CA PRO A 110 -3.30 -4.89 -5.94
C PRO A 110 -3.20 -3.58 -5.19
N GLY A 111 -3.79 -3.54 -3.99
CA GLY A 111 -3.82 -2.33 -3.18
C GLY A 111 -4.96 -1.37 -3.45
N TRP A 112 -5.89 -1.72 -4.34
CA TRP A 112 -6.98 -0.78 -4.65
C TRP A 112 -7.85 -0.55 -3.41
N LEU A 113 -8.43 0.63 -3.33
CA LEU A 113 -9.28 0.96 -2.18
C LEU A 113 -10.65 1.39 -2.65
N PRO A 114 -11.73 1.00 -1.94
CA PRO A 114 -13.07 1.37 -2.42
C PRO A 114 -13.32 2.86 -2.46
N GLN A 115 -12.78 3.62 -1.51
CA GLN A 115 -13.05 5.06 -1.49
C GLN A 115 -12.32 5.81 -2.60
N TRP A 116 -11.37 5.16 -3.26
CA TRP A 116 -10.69 5.76 -4.41
C TRP A 116 -11.43 5.55 -5.72
N HIS A 117 -12.63 4.97 -5.69
CA HIS A 117 -13.52 4.88 -6.85
C HIS A 117 -14.63 5.90 -6.60
N CYS A 118 -14.33 7.16 -6.90
CA CYS A 118 -15.08 8.30 -6.41
C CYS A 118 -16.15 8.72 -7.42
N GLY A 119 -17.42 8.35 -7.16
CA GLY A 119 -18.51 8.71 -8.03
C GLY A 119 -19.33 9.90 -7.52
N VAL A 120 -20.05 10.53 -8.45
CA VAL A 120 -21.04 11.56 -8.16
C VAL A 120 -22.38 11.15 -8.77
N ARG A 121 -23.45 11.26 -7.99
CA ARG A 121 -24.79 10.90 -8.43
C ARG A 121 -25.77 12.06 -8.23
N VAL A 122 -26.82 12.07 -9.04
CA VAL A 122 -27.94 12.98 -8.80
C VAL A 122 -28.74 12.47 -7.61
N VAL A 123 -29.03 13.35 -6.66
CA VAL A 123 -29.77 12.93 -5.46
C VAL A 123 -31.10 12.30 -5.85
N SER A 124 -31.86 12.98 -6.72
CA SER A 124 -33.21 12.54 -7.01
C SER A 124 -33.22 11.25 -7.82
N SER A 125 -32.58 11.26 -8.99
CA SER A 125 -32.65 10.11 -9.89
C SER A 125 -31.62 9.02 -9.61
N ARG A 126 -30.60 9.29 -8.78
CA ARG A 126 -29.46 8.40 -8.55
C ARG A 126 -28.58 8.21 -9.78
N LYS A 127 -28.79 8.99 -10.83
CA LYS A 127 -28.00 8.88 -12.06
C LYS A 127 -26.53 9.19 -11.78
N LEU A 128 -25.65 8.32 -12.27
CA LEU A 128 -24.22 8.55 -12.15
C LEU A 128 -23.80 9.60 -13.16
N VAL A 129 -23.25 10.72 -12.67
CA VAL A 129 -22.90 11.85 -13.55
C VAL A 129 -21.46 12.30 -13.40
N GLY A 130 -20.65 11.64 -12.58
CA GLY A 130 -19.26 12.03 -12.44
C GLY A 130 -18.45 10.91 -11.82
N PHE A 131 -17.15 10.94 -12.07
CA PHE A 131 -16.28 9.90 -11.57
C PHE A 131 -14.84 10.37 -11.61
N ILE A 132 -14.06 9.87 -10.66
CA ILE A 132 -12.60 9.97 -10.70
C ILE A 132 -12.07 8.80 -9.90
N SER A 133 -10.86 8.34 -10.23
CA SER A 133 -10.31 7.19 -9.53
C SER A 133 -8.83 7.39 -9.22
N ALA A 134 -8.39 6.64 -8.20
CA ALA A 134 -6.99 6.56 -7.83
C ALA A 134 -6.66 5.08 -7.63
N ILE A 135 -5.47 4.68 -8.06
CA ILE A 135 -4.93 3.37 -7.71
C ILE A 135 -3.52 3.59 -7.20
N PRO A 136 -3.03 2.79 -6.25
CA PRO A 136 -1.67 3.00 -5.76
C PRO A 136 -0.64 2.50 -6.75
N ALA A 137 0.52 3.14 -6.74
CA ALA A 137 1.62 2.68 -7.58
C ALA A 137 2.92 3.22 -7.01
N ASN A 138 3.93 2.36 -6.96
CA ASN A 138 5.26 2.85 -6.61
C ASN A 138 5.91 3.39 -7.88
N ILE A 139 6.40 4.63 -7.81
CA ILE A 139 6.89 5.33 -8.99
C ILE A 139 8.35 5.69 -8.80
N HIS A 140 9.17 5.36 -9.79
CA HIS A 140 10.57 5.77 -9.83
C HIS A 140 10.68 7.00 -10.73
N ILE A 141 11.15 8.10 -10.16
CA ILE A 141 11.29 9.36 -10.90
C ILE A 141 12.71 9.87 -10.67
N TYR A 142 13.52 9.86 -11.73
CA TYR A 142 14.96 10.10 -11.64
C TYR A 142 15.56 9.24 -10.55
N ASP A 143 16.14 9.85 -9.52
CA ASP A 143 16.82 9.07 -8.48
C ASP A 143 15.93 8.79 -7.28
N THR A 144 14.64 9.07 -7.35
CA THR A 144 13.76 8.91 -6.20
C THR A 144 12.69 7.87 -6.51
N GLU A 145 12.37 7.06 -5.52
CA GLU A 145 11.28 6.09 -5.60
C GLU A 145 10.25 6.48 -4.55
N LYS A 146 9.00 6.71 -4.99
CA LYS A 146 7.94 7.18 -4.12
C LYS A 146 6.68 6.36 -4.35
N LYS A 147 6.01 6.01 -3.25
CA LYS A 147 4.62 5.56 -3.31
C LYS A 147 3.74 6.74 -3.70
N MET A 148 2.96 6.55 -4.77
CA MET A 148 2.10 7.55 -5.33
C MET A 148 0.75 6.91 -5.62
N VAL A 149 -0.17 7.70 -6.20
CA VAL A 149 -1.34 7.15 -6.84
C VAL A 149 -1.31 7.54 -8.31
N GLU A 150 -1.96 6.72 -9.13
CA GLU A 150 -2.27 7.05 -10.50
C GLU A 150 -3.73 7.47 -10.58
N ILE A 151 -3.97 8.65 -11.15
CA ILE A 151 -5.31 9.19 -11.31
C ILE A 151 -5.75 8.94 -12.74
N ASN A 152 -6.95 8.41 -12.89
CA ASN A 152 -7.46 8.08 -14.22
C ASN A 152 -8.98 8.23 -14.21
N PHE A 153 -9.57 8.28 -15.42
CA PHE A 153 -11.02 8.19 -15.61
C PHE A 153 -11.79 9.37 -14.99
N LEU A 154 -11.18 10.54 -14.90
CA LEU A 154 -11.96 11.73 -14.55
C LEU A 154 -13.00 11.97 -15.63
N CYS A 155 -14.27 12.01 -15.24
CA CYS A 155 -15.34 12.15 -16.20
C CYS A 155 -16.50 12.91 -15.58
N VAL A 156 -17.00 13.91 -16.30
CA VAL A 156 -18.18 14.69 -15.93
C VAL A 156 -19.19 14.56 -17.06
N HIS A 157 -20.43 14.19 -16.72
CA HIS A 157 -21.47 14.06 -17.72
C HIS A 157 -21.58 15.32 -18.57
N LYS A 158 -21.87 15.14 -19.86
CA LYS A 158 -21.84 16.27 -20.80
C LYS A 158 -22.83 17.36 -20.40
N LYS A 159 -23.97 16.98 -19.81
CA LYS A 159 -24.92 18.00 -19.36
C LYS A 159 -24.43 18.76 -18.15
N LEU A 160 -23.40 18.25 -17.46
CA LEU A 160 -22.88 18.90 -16.27
C LEU A 160 -21.58 19.63 -16.55
N ARG A 161 -21.18 19.75 -17.81
CA ARG A 161 -19.87 20.28 -18.15
C ARG A 161 -19.80 21.79 -17.90
N SER A 162 -18.57 22.27 -17.74
CA SER A 162 -18.25 23.69 -17.62
C SER A 162 -18.88 24.31 -16.39
N LYS A 163 -19.22 23.50 -15.38
CA LYS A 163 -19.81 23.98 -14.13
C LYS A 163 -18.87 23.80 -12.95
N ARG A 164 -17.56 23.77 -13.20
N ARG A 164 -17.55 23.72 -13.19
CA ARG A 164 -16.52 23.67 -12.17
CA ARG A 164 -16.57 23.70 -12.11
C ARG A 164 -16.72 22.45 -11.28
C ARG A 164 -16.70 22.43 -11.26
N VAL A 165 -17.24 21.36 -11.84
CA VAL A 165 -17.38 20.11 -11.08
C VAL A 165 -16.06 19.35 -11.05
N ALA A 166 -15.31 19.37 -12.17
CA ALA A 166 -14.00 18.71 -12.21
C ALA A 166 -13.06 19.15 -11.09
N PRO A 167 -12.92 20.45 -10.78
CA PRO A 167 -12.06 20.82 -9.65
C PRO A 167 -12.50 20.21 -8.34
N VAL A 168 -13.80 19.98 -8.14
CA VAL A 168 -14.28 19.38 -6.90
C VAL A 168 -13.89 17.90 -6.85
N LEU A 169 -14.02 17.20 -8.00
CA LEU A 169 -13.58 15.81 -8.07
C LEU A 169 -12.09 15.69 -7.81
N ILE A 170 -11.28 16.61 -8.33
CA ILE A 170 -9.85 16.53 -8.12
C ILE A 170 -9.50 16.80 -6.66
N ARG A 171 -10.12 17.81 -6.04
CA ARG A 171 -9.85 18.08 -4.64
C ARG A 171 -10.31 16.94 -3.75
N GLU A 172 -11.45 16.33 -4.07
CA GLU A 172 -11.96 15.28 -3.20
C GLU A 172 -11.10 14.02 -3.30
N ILE A 173 -10.62 13.65 -4.50
CA ILE A 173 -9.78 12.45 -4.56
C ILE A 173 -8.44 12.71 -3.88
N THR A 174 -7.92 13.96 -4.01
CA THR A 174 -6.70 14.37 -3.32
C THR A 174 -6.84 14.19 -1.82
N ARG A 175 -7.97 14.64 -1.26
CA ARG A 175 -8.25 14.49 0.16
C ARG A 175 -8.28 13.02 0.55
N ARG A 176 -9.00 12.19 -0.22
CA ARG A 176 -9.09 10.78 0.12
C ARG A 176 -7.76 10.07 -0.01
N VAL A 177 -6.88 10.58 -0.88
CA VAL A 177 -5.54 10.00 -0.99
C VAL A 177 -4.66 10.51 0.15
N HIS A 178 -4.74 11.82 0.47
CA HIS A 178 -4.02 12.33 1.63
C HIS A 178 -4.36 11.54 2.88
N LEU A 179 -5.61 11.10 3.01
CA LEU A 179 -6.01 10.43 4.25
C LEU A 179 -5.23 9.14 4.44
N GLU A 180 -4.78 8.52 3.33
CA GLU A 180 -4.01 7.29 3.39
C GLU A 180 -2.52 7.54 3.41
N GLY A 181 -2.10 8.79 3.58
CA GLY A 181 -0.69 9.09 3.73
C GLY A 181 0.11 9.19 2.45
N ILE A 182 -0.52 9.44 1.31
CA ILE A 182 0.17 9.58 0.03
C ILE A 182 0.02 11.02 -0.43
N PHE A 183 1.13 11.59 -0.91
CA PHE A 183 1.15 13.02 -1.23
C PHE A 183 1.65 13.33 -2.63
N GLN A 184 1.84 12.31 -3.47
CA GLN A 184 2.19 12.54 -4.87
C GLN A 184 1.31 11.68 -5.76
N ALA A 185 1.08 12.17 -6.98
CA ALA A 185 0.34 11.40 -7.96
C ALA A 185 0.98 11.54 -9.34
N VAL A 186 0.66 10.59 -10.20
CA VAL A 186 1.02 10.68 -11.61
C VAL A 186 -0.25 10.50 -12.43
N TYR A 187 -0.31 11.14 -13.60
CA TYR A 187 -1.47 11.07 -14.48
C TYR A 187 -1.06 11.57 -15.86
N THR A 188 -1.89 11.25 -16.85
CA THR A 188 -1.69 11.72 -18.21
C THR A 188 -2.95 12.41 -18.70
N ALA A 189 -2.78 13.30 -19.68
CA ALA A 189 -3.92 13.96 -20.29
C ALA A 189 -3.54 14.47 -21.67
N GLY A 190 -4.54 14.48 -22.57
CA GLY A 190 -4.40 15.11 -23.87
C GLY A 190 -4.42 16.64 -23.86
N VAL A 191 -4.73 17.27 -22.74
CA VAL A 191 -4.69 18.72 -22.66
C VAL A 191 -3.43 19.17 -21.94
N VAL A 192 -3.04 20.41 -22.17
CA VAL A 192 -1.88 21.00 -21.52
C VAL A 192 -2.33 21.63 -20.20
N LEU A 193 -1.67 21.26 -19.12
CA LEU A 193 -1.90 21.78 -17.79
C LEU A 193 -0.54 22.12 -17.19
N PRO A 194 -0.51 22.88 -16.10
CA PRO A 194 0.74 23.03 -15.36
C PRO A 194 1.01 21.74 -14.58
N LYS A 195 2.15 21.10 -14.80
CA LYS A 195 3.12 21.37 -15.87
C LYS A 195 3.68 20.02 -16.34
N PRO A 196 3.69 19.75 -17.65
CA PRO A 196 4.06 18.41 -18.11
C PRO A 196 5.50 18.06 -17.73
N VAL A 197 5.68 16.84 -17.23
CA VAL A 197 7.04 16.34 -17.03
C VAL A 197 7.56 15.72 -18.30
N GLY A 198 6.67 15.38 -19.25
CA GLY A 198 7.07 14.81 -20.52
C GLY A 198 5.90 14.85 -21.48
N THR A 199 6.18 14.94 -22.77
CA THR A 199 5.14 15.01 -23.80
C THR A 199 5.36 13.89 -24.81
N CYS A 200 4.39 12.99 -24.90
CA CYS A 200 4.46 11.90 -25.85
C CYS A 200 3.42 12.11 -26.94
N ARG A 201 3.57 11.33 -28.00
CA ARG A 201 2.69 11.40 -29.16
C ARG A 201 2.27 10.00 -29.55
N TYR A 202 0.98 9.84 -29.80
CA TYR A 202 0.47 8.59 -30.31
C TYR A 202 0.79 8.45 -31.80
N TRP A 203 1.24 7.26 -32.19
CA TRP A 203 1.34 6.83 -33.57
C TRP A 203 0.39 5.67 -33.78
N HIS A 204 -0.03 5.46 -35.03
CA HIS A 204 -1.00 4.43 -35.37
C HIS A 204 -0.49 3.56 -36.51
N ARG A 205 -0.75 2.25 -36.40
CA ARG A 205 -0.39 1.30 -37.42
C ARG A 205 -1.68 0.66 -37.95
N SER A 206 -2.03 0.97 -39.19
CA SER A 206 -3.21 0.37 -39.83
C SER A 206 -3.07 -1.14 -39.90
N LEU A 207 -4.15 -1.82 -39.54
CA LEU A 207 -4.27 -3.27 -39.69
C LEU A 207 -5.37 -3.67 -40.65
N ASN A 208 -6.52 -2.98 -40.62
CA ASN A 208 -7.60 -3.13 -41.60
C ASN A 208 -7.79 -1.77 -42.26
N PRO A 209 -6.91 -1.41 -43.20
CA PRO A 209 -6.95 -0.04 -43.75
C PRO A 209 -8.29 0.34 -44.37
N ARG A 210 -9.01 -0.62 -44.96
CA ARG A 210 -10.29 -0.31 -45.60
C ARG A 210 -11.30 0.19 -44.57
N LYS A 211 -11.46 -0.55 -43.47
CA LYS A 211 -12.32 -0.07 -42.39
C LYS A 211 -11.90 1.32 -41.92
N LEU A 212 -10.61 1.53 -41.75
CA LEU A 212 -10.14 2.80 -41.19
C LEU A 212 -10.42 3.98 -42.12
N ILE A 213 -10.42 3.76 -43.43
CA ILE A 213 -10.67 4.85 -44.37
C ILE A 213 -12.17 5.12 -44.50
N GLU A 214 -12.99 4.06 -44.49
CA GLU A 214 -14.44 4.24 -44.59
C GLU A 214 -14.99 5.01 -43.40
N VAL A 215 -14.42 4.82 -42.21
CA VAL A 215 -14.87 5.53 -41.01
C VAL A 215 -14.11 6.84 -40.80
N LYS A 216 -13.21 7.21 -41.72
CA LYS A 216 -12.47 8.47 -41.65
C LYS A 216 -11.56 8.52 -40.41
N PHE A 217 -11.15 7.36 -39.90
CA PHE A 217 -10.06 7.35 -38.94
C PHE A 217 -8.75 7.74 -39.61
N SER A 218 -8.50 7.22 -40.81
CA SER A 218 -7.36 7.60 -41.63
C SER A 218 -7.87 7.93 -43.03
N HIS A 219 -6.93 8.27 -43.91
N HIS A 219 -6.95 8.32 -43.90
CA HIS A 219 -7.26 8.70 -45.26
CA HIS A 219 -7.28 8.68 -45.27
C HIS A 219 -6.19 8.19 -46.21
C HIS A 219 -6.20 8.19 -46.21
N LEU A 220 -6.57 8.07 -47.49
CA LEU A 220 -5.60 7.74 -48.53
C LEU A 220 -4.57 8.85 -48.66
N SER A 221 -3.30 8.51 -48.50
CA SER A 221 -2.24 9.50 -48.67
C SER A 221 -2.15 9.95 -50.12
N ARG A 222 -1.72 11.20 -50.31
CA ARG A 222 -1.76 11.85 -51.63
C ARG A 222 -0.97 11.02 -52.65
N ASN A 223 -1.67 10.61 -53.71
CA ASN A 223 -1.14 9.74 -54.76
C ASN A 223 -0.80 8.35 -54.20
N MET A 224 -1.83 7.71 -53.66
CA MET A 224 -1.76 6.29 -53.32
C MET A 224 -3.19 5.76 -53.30
N THR A 225 -3.44 4.70 -54.06
CA THR A 225 -4.78 4.16 -54.23
C THR A 225 -5.14 3.20 -53.10
N MET A 226 -6.41 2.80 -53.08
CA MET A 226 -6.87 1.86 -52.05
C MET A 226 -6.19 0.51 -52.20
N GLN A 227 -5.97 0.06 -53.43
CA GLN A 227 -5.33 -1.24 -53.62
C GLN A 227 -3.87 -1.21 -53.18
N ARG A 228 -3.15 -0.11 -53.46
CA ARG A 228 -1.78 0.02 -53.00
C ARG A 228 -1.70 0.10 -51.48
N THR A 229 -2.61 0.87 -50.86
CA THR A 229 -2.59 1.02 -49.41
C THR A 229 -2.84 -0.31 -48.69
N MET A 230 -3.76 -1.12 -49.22
CA MET A 230 -3.98 -2.43 -48.62
C MET A 230 -2.76 -3.33 -48.78
N LYS A 231 -2.13 -3.32 -49.96
CA LYS A 231 -0.92 -4.09 -50.16
C LYS A 231 0.20 -3.59 -49.24
N LEU A 232 0.29 -2.27 -49.09
CA LEU A 232 1.36 -1.69 -48.29
C LEU A 232 1.30 -2.15 -46.83
N TYR A 233 0.10 -2.39 -46.31
CA TYR A 233 -0.08 -2.70 -44.89
C TYR A 233 -0.28 -4.19 -44.62
N ARG A 234 -0.28 -5.03 -45.66
CA ARG A 234 -0.45 -6.46 -45.45
C ARG A 234 0.65 -7.00 -44.54
N LEU A 235 0.31 -8.02 -43.77
CA LEU A 235 1.22 -8.59 -42.79
C LEU A 235 1.28 -10.10 -42.98
N PRO A 236 2.37 -10.74 -42.55
CA PRO A 236 2.38 -12.21 -42.47
C PRO A 236 1.22 -12.72 -41.63
N GLU A 237 0.84 -13.97 -41.86
CA GLU A 237 -0.26 -14.52 -41.09
C GLU A 237 0.15 -15.14 -39.77
N THR A 238 1.44 -15.46 -39.60
CA THR A 238 1.96 -15.97 -38.34
C THR A 238 3.20 -15.18 -37.94
N PRO A 239 3.48 -15.05 -36.64
CA PRO A 239 4.67 -14.33 -36.20
C PRO A 239 5.95 -15.05 -36.61
N LYS A 240 7.05 -14.31 -36.57
CA LYS A 240 8.35 -14.77 -37.04
C LYS A 240 9.21 -15.35 -35.92
N THR A 241 9.14 -14.78 -34.71
CA THR A 241 10.10 -15.10 -33.65
C THR A 241 9.93 -16.53 -33.14
N ALA A 242 11.06 -17.24 -33.08
CA ALA A 242 11.07 -18.59 -32.54
C ALA A 242 10.65 -18.60 -31.09
N GLY A 243 9.70 -19.46 -30.75
CA GLY A 243 9.38 -19.70 -29.36
C GLY A 243 8.49 -18.66 -28.73
N LEU A 244 7.86 -17.81 -29.53
CA LEU A 244 6.88 -16.86 -29.02
C LEU A 244 5.61 -17.63 -28.64
N ARG A 245 5.06 -17.34 -27.45
CA ARG A 245 3.86 -18.03 -26.97
C ARG A 245 3.19 -17.16 -25.92
N PRO A 246 1.91 -17.38 -25.65
CA PRO A 246 1.24 -16.61 -24.58
C PRO A 246 1.92 -16.79 -23.24
N MET A 247 1.93 -15.70 -22.46
CA MET A 247 2.43 -15.78 -21.10
C MET A 247 1.58 -16.71 -20.26
N GLU A 248 2.24 -17.50 -19.41
CA GLU A 248 1.60 -18.43 -18.51
C GLU A 248 2.01 -18.10 -17.08
N THR A 249 1.36 -18.78 -16.14
CA THR A 249 1.60 -18.52 -14.72
C THR A 249 3.07 -18.74 -14.35
N LYS A 250 3.70 -19.79 -14.92
CA LYS A 250 5.10 -20.07 -14.62
C LYS A 250 6.02 -18.94 -15.06
N ASP A 251 5.59 -18.10 -15.99
CA ASP A 251 6.40 -17.00 -16.51
C ASP A 251 6.39 -15.76 -15.61
N ILE A 252 5.55 -15.71 -14.57
CA ILE A 252 5.41 -14.47 -13.79
C ILE A 252 6.73 -14.01 -13.20
N PRO A 253 7.52 -14.85 -12.52
CA PRO A 253 8.79 -14.34 -11.97
C PRO A 253 9.76 -13.83 -13.02
N VAL A 254 9.92 -14.53 -14.15
CA VAL A 254 10.90 -14.03 -15.11
C VAL A 254 10.37 -12.79 -15.82
N VAL A 255 9.06 -12.69 -16.05
CA VAL A 255 8.53 -11.45 -16.63
C VAL A 255 8.78 -10.28 -15.67
N HIS A 256 8.57 -10.50 -14.39
CA HIS A 256 8.91 -9.48 -13.39
C HIS A 256 10.39 -9.09 -13.48
N GLN A 257 11.27 -10.10 -13.53
CA GLN A 257 12.70 -9.84 -13.59
C GLN A 257 13.07 -9.06 -14.85
N LEU A 258 12.58 -9.51 -16.01
CA LEU A 258 12.93 -8.83 -17.26
C LEU A 258 12.47 -7.38 -17.25
N LEU A 259 11.23 -7.14 -16.82
CA LEU A 259 10.71 -5.77 -16.82
C LEU A 259 11.49 -4.89 -15.84
N THR A 260 11.77 -5.40 -14.65
CA THR A 260 12.47 -4.60 -13.66
C THR A 260 13.83 -4.14 -14.17
N ARG A 261 14.59 -5.05 -14.78
CA ARG A 261 15.91 -4.68 -15.28
C ARG A 261 15.80 -3.77 -16.48
N TYR A 262 14.83 -4.03 -17.36
CA TYR A 262 14.68 -3.21 -18.56
C TYR A 262 14.31 -1.76 -18.23
N LEU A 263 13.48 -1.56 -17.19
CA LEU A 263 12.99 -0.20 -16.92
C LEU A 263 14.04 0.71 -16.29
N LYS A 264 15.16 0.16 -15.81
CA LYS A 264 16.12 0.99 -15.10
C LYS A 264 16.70 2.08 -15.99
N GLN A 265 16.72 1.88 -17.32
CA GLN A 265 17.29 2.87 -18.21
C GLN A 265 16.42 4.10 -18.43
N PHE A 266 15.16 4.12 -17.97
CA PHE A 266 14.32 5.28 -18.17
C PHE A 266 14.22 6.07 -16.87
N HIS A 267 13.64 7.28 -16.96
CA HIS A 267 13.60 8.18 -15.81
C HIS A 267 12.25 8.29 -15.13
N LEU A 268 11.17 7.85 -15.78
CA LEU A 268 9.85 7.77 -15.15
C LEU A 268 9.31 6.38 -15.43
N THR A 269 9.20 5.56 -14.38
CA THR A 269 8.85 4.15 -14.54
C THR A 269 8.02 3.71 -13.35
N PRO A 270 7.23 2.65 -13.51
CA PRO A 270 6.67 1.98 -12.33
C PRO A 270 7.68 1.03 -11.73
N VAL A 271 7.48 0.75 -10.45
CA VAL A 271 8.23 -0.27 -9.72
C VAL A 271 7.18 -1.28 -9.28
N MET A 272 7.08 -2.41 -9.99
CA MET A 272 6.01 -3.35 -9.73
C MET A 272 6.50 -4.50 -8.86
N SER A 273 5.68 -4.89 -7.91
CA SER A 273 5.84 -6.15 -7.21
C SER A 273 5.53 -7.30 -8.16
N GLN A 274 5.86 -8.51 -7.72
CA GLN A 274 5.53 -9.68 -8.51
C GLN A 274 4.03 -9.87 -8.60
N GLU A 275 3.29 -9.47 -7.56
CA GLU A 275 1.83 -9.53 -7.63
C GLU A 275 1.29 -8.55 -8.66
N GLU A 276 1.87 -7.33 -8.72
CA GLU A 276 1.43 -6.35 -9.71
C GLU A 276 1.78 -6.79 -11.13
N VAL A 277 2.91 -7.46 -11.32
CA VAL A 277 3.24 -7.97 -12.65
C VAL A 277 2.20 -9.01 -13.09
N GLU A 278 1.83 -9.93 -12.18
CA GLU A 278 0.76 -10.87 -12.49
C GLU A 278 -0.51 -10.13 -12.91
N HIS A 279 -0.90 -9.11 -12.15
CA HIS A 279 -2.12 -8.41 -12.48
C HIS A 279 -2.04 -7.75 -13.85
N TRP A 280 -0.96 -7.01 -14.11
CA TRP A 280 -0.93 -6.19 -15.31
C TRP A 280 -0.60 -6.98 -16.58
N PHE A 281 0.01 -8.17 -16.47
CA PHE A 281 0.43 -8.88 -17.68
C PHE A 281 -0.22 -10.22 -17.91
N TYR A 282 -0.70 -10.90 -16.89
CA TYR A 282 -1.26 -12.24 -17.09
C TYR A 282 -2.43 -12.12 -18.07
N PRO A 283 -2.41 -12.85 -19.19
CA PRO A 283 -3.37 -12.55 -20.28
C PRO A 283 -4.81 -12.72 -19.84
N GLN A 284 -5.63 -11.74 -20.24
CA GLN A 284 -7.08 -11.81 -20.11
C GLN A 284 -7.70 -11.46 -21.45
N GLU A 285 -8.46 -12.39 -22.03
CA GLU A 285 -9.02 -12.21 -23.36
C GLU A 285 -9.83 -10.92 -23.44
N ASN A 286 -9.57 -10.12 -24.49
CA ASN A 286 -10.21 -8.83 -24.71
C ASN A 286 -9.85 -7.80 -23.65
N ILE A 287 -8.73 -8.00 -22.96
CA ILE A 287 -8.25 -7.00 -22.00
C ILE A 287 -6.76 -6.76 -22.23
N ILE A 288 -5.95 -7.79 -21.99
CA ILE A 288 -4.50 -7.64 -22.01
C ILE A 288 -3.89 -8.90 -22.61
N ASP A 289 -2.97 -8.72 -23.54
CA ASP A 289 -2.27 -9.85 -24.15
C ASP A 289 -0.79 -9.73 -23.86
N THR A 290 -0.17 -10.83 -23.45
CA THR A 290 1.27 -10.86 -23.25
C THR A 290 1.83 -12.13 -23.86
N PHE A 291 2.80 -12.00 -24.76
CA PHE A 291 3.51 -13.13 -25.33
C PHE A 291 4.98 -13.07 -24.89
N VAL A 292 5.50 -14.20 -24.42
CA VAL A 292 6.90 -14.32 -24.03
C VAL A 292 7.64 -15.07 -25.14
N VAL A 293 8.96 -14.88 -25.21
CA VAL A 293 9.84 -15.66 -26.09
C VAL A 293 10.57 -16.69 -25.23
N GLU A 294 10.21 -17.97 -25.38
CA GLU A 294 10.92 -19.04 -24.70
C GLU A 294 11.89 -19.67 -25.69
N ASN A 295 13.19 -19.59 -25.41
CA ASN A 295 14.19 -19.92 -26.42
C ASN A 295 14.47 -21.43 -26.44
N ALA A 296 15.50 -21.83 -27.18
CA ALA A 296 15.80 -23.25 -27.37
C ALA A 296 16.33 -23.92 -26.11
N ASN A 297 16.70 -23.15 -25.09
CA ASN A 297 17.11 -23.68 -23.79
C ASN A 297 15.99 -23.66 -22.77
N GLY A 298 14.81 -23.19 -23.16
CA GLY A 298 13.70 -23.06 -22.24
C GLY A 298 13.70 -21.78 -21.42
N GLU A 299 14.53 -20.81 -21.78
CA GLU A 299 14.62 -19.56 -21.04
C GLU A 299 13.75 -18.50 -21.71
N VAL A 300 13.02 -17.74 -20.89
CA VAL A 300 12.24 -16.61 -21.38
C VAL A 300 13.17 -15.40 -21.43
N THR A 301 13.36 -14.86 -22.63
CA THR A 301 14.30 -13.80 -22.86
C THR A 301 13.67 -12.49 -23.29
N ASP A 302 12.43 -12.50 -23.77
CA ASP A 302 11.74 -11.29 -24.19
C ASP A 302 10.26 -11.45 -23.94
N PHE A 303 9.54 -10.33 -23.94
CA PHE A 303 8.09 -10.39 -23.99
C PHE A 303 7.53 -9.13 -24.61
N LEU A 304 6.36 -9.27 -25.23
CA LEU A 304 5.61 -8.14 -25.76
C LEU A 304 4.22 -8.13 -25.14
N SER A 305 3.60 -6.96 -25.07
CA SER A 305 2.24 -6.92 -24.55
C SER A 305 1.50 -5.72 -25.12
N PHE A 306 0.18 -5.85 -25.20
CA PHE A 306 -0.69 -4.77 -25.65
C PHE A 306 -2.07 -4.96 -25.02
N TYR A 307 -2.77 -3.85 -24.74
CA TYR A 307 -4.09 -3.99 -24.17
C TYR A 307 -5.18 -3.63 -25.18
N THR A 308 -6.40 -4.08 -24.88
CA THR A 308 -7.55 -3.95 -25.76
C THR A 308 -8.38 -2.74 -25.37
N LEU A 309 -8.57 -1.81 -26.28
CA LEU A 309 -9.41 -0.64 -25.98
C LEU A 309 -10.12 -0.18 -27.24
N PRO A 310 -11.36 -0.62 -27.45
CA PRO A 310 -12.10 -0.19 -28.63
C PRO A 310 -12.65 1.22 -28.43
N SER A 311 -13.10 1.82 -29.53
CA SER A 311 -13.76 3.12 -29.48
C SER A 311 -15.09 3.09 -30.19
N THR A 312 -16.04 3.86 -29.69
CA THR A 312 -17.29 4.04 -30.42
C THR A 312 -17.05 4.93 -31.63
N ILE A 313 -17.65 4.55 -32.77
CA ILE A 313 -17.66 5.42 -33.94
C ILE A 313 -18.97 6.18 -33.95
N MET A 314 -18.91 7.47 -33.63
CA MET A 314 -20.14 8.23 -33.39
C MET A 314 -20.82 8.57 -34.71
N ASN A 315 -22.15 8.42 -34.72
CA ASN A 315 -23.01 8.91 -35.81
C ASN A 315 -22.71 8.22 -37.14
N HIS A 316 -22.40 6.92 -37.09
CA HIS A 316 -22.17 6.20 -38.33
C HIS A 316 -23.19 5.08 -38.48
N PRO A 317 -23.88 4.99 -39.61
CA PRO A 317 -24.97 4.01 -39.73
C PRO A 317 -24.52 2.57 -39.80
N THR A 318 -23.32 2.28 -40.29
CA THR A 318 -22.88 0.90 -40.53
C THR A 318 -21.78 0.44 -39.57
N HIS A 319 -20.69 1.19 -39.46
CA HIS A 319 -19.61 0.86 -38.54
C HIS A 319 -19.83 1.59 -37.21
N LYS A 320 -19.94 0.83 -36.13
CA LYS A 320 -20.23 1.36 -34.81
C LYS A 320 -19.01 1.39 -33.88
N SER A 321 -18.02 0.54 -34.11
CA SER A 321 -16.89 0.39 -33.18
C SER A 321 -15.60 0.15 -33.93
N LEU A 322 -14.52 0.71 -33.39
CA LEU A 322 -13.16 0.52 -33.88
C LEU A 322 -12.37 -0.29 -32.85
N LYS A 323 -11.90 -1.47 -33.23
CA LYS A 323 -11.13 -2.33 -32.32
C LYS A 323 -9.66 -1.93 -32.36
N ALA A 324 -9.17 -1.29 -31.29
CA ALA A 324 -7.80 -0.80 -31.22
C ALA A 324 -6.97 -1.61 -30.23
N ALA A 325 -5.70 -1.82 -30.57
CA ALA A 325 -4.72 -2.44 -29.68
C ALA A 325 -3.73 -1.36 -29.28
N TYR A 326 -3.31 -1.36 -28.02
CA TYR A 326 -2.40 -0.36 -27.51
C TYR A 326 -1.14 -1.03 -26.98
N SER A 327 0.01 -0.59 -27.49
CA SER A 327 1.30 -1.04 -27.00
C SER A 327 1.41 -0.79 -25.51
N PHE A 328 1.89 -1.79 -24.77
CA PHE A 328 1.94 -1.71 -23.32
C PHE A 328 3.40 -1.65 -22.92
N TYR A 329 3.98 -2.73 -22.43
CA TYR A 329 5.41 -2.80 -22.16
C TYR A 329 6.03 -3.90 -23.03
N ASN A 330 7.13 -3.57 -23.70
CA ASN A 330 7.82 -4.50 -24.58
C ASN A 330 9.28 -4.57 -24.16
N VAL A 331 9.70 -5.74 -23.68
CA VAL A 331 11.04 -5.93 -23.14
C VAL A 331 11.80 -6.88 -24.07
N HIS A 332 13.01 -6.47 -24.48
CA HIS A 332 13.88 -7.26 -25.33
C HIS A 332 15.25 -7.36 -24.69
N THR A 333 15.81 -8.59 -24.68
CA THR A 333 17.20 -8.85 -24.30
C THR A 333 17.95 -9.76 -25.28
N GLN A 334 17.25 -10.53 -26.13
CA GLN A 334 17.89 -11.35 -27.16
C GLN A 334 17.23 -11.20 -28.53
N THR A 335 15.94 -10.94 -28.59
CA THR A 335 15.19 -10.65 -29.82
C THR A 335 15.26 -9.15 -30.11
N PRO A 336 15.50 -8.74 -31.34
CA PRO A 336 15.44 -7.31 -31.65
C PRO A 336 14.06 -6.77 -31.38
N LEU A 337 14.00 -5.54 -30.87
CA LEU A 337 12.72 -4.87 -30.65
C LEU A 337 11.90 -4.83 -31.94
N LEU A 338 12.56 -4.49 -33.06
CA LEU A 338 11.88 -4.45 -34.35
C LEU A 338 11.12 -5.75 -34.62
N ASP A 339 11.79 -6.89 -34.46
CA ASP A 339 11.13 -8.18 -34.68
C ASP A 339 10.01 -8.41 -33.68
N LEU A 340 10.23 -8.02 -32.43
CA LEU A 340 9.20 -8.15 -31.39
C LEU A 340 7.94 -7.38 -31.78
N MET A 341 8.09 -6.12 -32.17
CA MET A 341 6.92 -5.31 -32.51
C MET A 341 6.28 -5.79 -33.79
N SER A 342 7.08 -6.28 -34.74
CA SER A 342 6.52 -6.90 -35.92
C SER A 342 5.61 -8.08 -35.58
N ASP A 343 6.02 -8.91 -34.63
CA ASP A 343 5.15 -10.00 -34.20
C ASP A 343 3.92 -9.48 -33.46
N ALA A 344 4.07 -8.41 -32.68
CA ALA A 344 2.90 -7.81 -32.04
C ALA A 344 1.87 -7.37 -33.07
N LEU A 345 2.31 -6.73 -34.17
CA LEU A 345 1.39 -6.35 -35.23
C LEU A 345 0.70 -7.55 -35.83
N VAL A 346 1.45 -8.62 -36.06
CA VAL A 346 0.87 -9.84 -36.61
C VAL A 346 -0.15 -10.43 -35.65
N LEU A 347 0.20 -10.50 -34.37
CA LEU A 347 -0.73 -11.05 -33.40
C LEU A 347 -1.99 -10.22 -33.31
N ALA A 348 -1.84 -8.89 -33.30
CA ALA A 348 -3.01 -8.01 -33.25
C ALA A 348 -3.89 -8.21 -34.48
N LYS A 349 -3.29 -8.19 -35.68
CA LYS A 349 -4.04 -8.50 -36.89
C LYS A 349 -4.84 -9.79 -36.74
N MET A 350 -4.15 -10.86 -36.33
CA MET A 350 -4.79 -12.16 -36.11
C MET A 350 -5.98 -12.06 -35.18
N LYS A 351 -5.86 -11.30 -34.11
CA LYS A 351 -6.91 -11.23 -33.10
C LYS A 351 -8.03 -10.28 -33.50
N GLY A 352 -8.04 -9.79 -34.74
CA GLY A 352 -9.15 -9.01 -35.23
C GLY A 352 -9.08 -7.52 -34.99
N PHE A 353 -7.92 -6.97 -34.63
CA PHE A 353 -7.83 -5.54 -34.35
C PHE A 353 -7.79 -4.76 -35.67
N ASP A 354 -8.30 -3.53 -35.62
CA ASP A 354 -8.30 -2.65 -36.79
C ASP A 354 -7.05 -1.80 -36.89
N VAL A 355 -6.44 -1.51 -35.75
CA VAL A 355 -5.34 -0.55 -35.67
C VAL A 355 -4.51 -0.92 -34.44
N PHE A 356 -3.23 -0.58 -34.51
CA PHE A 356 -2.29 -0.81 -33.42
C PHE A 356 -1.68 0.54 -33.06
N ASN A 357 -1.91 0.99 -31.83
CA ASN A 357 -1.42 2.26 -31.34
C ASN A 357 -0.21 2.09 -30.45
N ALA A 358 0.72 3.05 -30.54
CA ALA A 358 1.90 3.08 -29.70
C ALA A 358 2.34 4.51 -29.51
N LEU A 359 2.88 4.80 -28.34
CA LEU A 359 3.45 6.10 -28.05
C LEU A 359 4.92 6.13 -28.47
N ASP A 360 5.47 7.34 -28.55
CA ASP A 360 6.87 7.51 -28.92
C ASP A 360 7.80 7.48 -27.71
N LEU A 361 7.38 6.88 -26.59
CA LEU A 361 8.19 6.82 -25.39
C LEU A 361 9.09 5.59 -25.42
N MET A 362 9.88 5.42 -24.37
CA MET A 362 10.90 4.37 -24.30
C MET A 362 11.66 4.34 -25.62
N GLU A 363 11.86 3.16 -26.19
CA GLU A 363 12.63 3.02 -27.42
C GLU A 363 11.74 2.94 -28.65
N ASN A 364 10.48 3.36 -28.55
CA ASN A 364 9.52 3.07 -29.60
C ASN A 364 9.88 3.79 -30.90
N LYS A 365 10.53 4.95 -30.82
CA LYS A 365 10.89 5.63 -32.05
C LYS A 365 11.81 4.81 -32.94
N THR A 366 12.55 3.85 -32.38
CA THR A 366 13.43 3.05 -33.21
C THR A 366 12.66 2.12 -34.14
N PHE A 367 11.36 1.88 -33.89
CA PHE A 367 10.60 1.06 -34.83
C PHE A 367 9.39 1.76 -35.44
N LEU A 368 8.97 2.92 -34.94
CA LEU A 368 7.68 3.46 -35.40
C LEU A 368 7.67 3.66 -36.92
N GLU A 369 8.60 4.45 -37.44
CA GLU A 369 8.62 4.68 -38.88
C GLU A 369 8.85 3.38 -39.64
N LYS A 370 9.81 2.56 -39.19
CA LYS A 370 10.17 1.36 -39.95
C LYS A 370 9.01 0.39 -40.11
N LEU A 371 8.13 0.30 -39.11
CA LEU A 371 7.02 -0.63 -39.19
C LEU A 371 5.74 0.02 -39.74
N LYS A 372 5.87 1.18 -40.39
CA LYS A 372 4.77 1.84 -41.10
C LYS A 372 3.71 2.39 -40.15
N PHE A 373 4.11 2.81 -38.95
CA PHE A 373 3.23 3.65 -38.14
C PHE A 373 3.15 5.04 -38.78
N GLY A 374 2.00 5.68 -38.61
CA GLY A 374 1.83 7.07 -38.99
C GLY A 374 1.58 7.92 -37.76
N ILE A 375 2.19 9.11 -37.72
CA ILE A 375 2.06 9.95 -36.54
C ILE A 375 0.62 10.37 -36.37
N GLY A 376 0.17 10.45 -35.11
CA GLY A 376 -1.17 10.92 -34.82
C GLY A 376 -1.18 12.41 -34.57
N ASP A 377 -2.37 12.92 -34.29
CA ASP A 377 -2.50 14.31 -33.91
C ASP A 377 -2.81 14.40 -32.43
N GLY A 378 -2.37 15.48 -31.81
CA GLY A 378 -2.55 15.62 -30.38
C GLY A 378 -1.58 14.78 -29.58
N ASN A 379 -1.18 15.30 -28.43
CA ASN A 379 -0.16 14.68 -27.61
C ASN A 379 -0.81 13.95 -26.43
N LEU A 380 0.03 13.20 -25.72
CA LEU A 380 -0.30 12.69 -24.40
C LEU A 380 0.75 13.25 -23.45
N GLN A 381 0.32 14.17 -22.59
CA GLN A 381 1.17 14.81 -21.60
C GLN A 381 1.22 13.97 -20.33
N TYR A 382 2.41 13.86 -19.73
CA TYR A 382 2.59 13.21 -18.43
C TYR A 382 2.80 14.27 -17.36
N TYR A 383 2.19 14.05 -16.19
CA TYR A 383 2.24 15.02 -15.10
C TYR A 383 2.50 14.33 -13.78
N LEU A 384 3.21 15.03 -12.89
CA LEU A 384 3.32 14.66 -11.49
C LEU A 384 2.67 15.74 -10.64
N TYR A 385 1.97 15.32 -9.59
CA TYR A 385 1.36 16.22 -8.61
C TYR A 385 2.24 16.28 -7.38
N ASN A 386 2.55 17.50 -6.92
CA ASN A 386 3.37 17.73 -5.73
C ASN A 386 4.78 17.14 -5.85
N TRP A 387 5.36 17.21 -7.05
CA TRP A 387 6.75 16.79 -7.24
C TRP A 387 7.43 17.67 -8.28
N LYS A 388 8.50 18.35 -7.87
CA LYS A 388 9.30 19.17 -8.79
C LYS A 388 10.47 18.35 -9.32
N CYS A 389 10.68 18.42 -10.63
CA CYS A 389 11.81 17.77 -11.27
C CYS A 389 11.89 18.26 -12.71
N PRO A 390 13.06 18.17 -13.34
CA PRO A 390 13.17 18.56 -14.75
C PRO A 390 12.29 17.72 -15.66
N SER A 391 11.78 18.33 -16.71
CA SER A 391 11.10 17.57 -17.74
C SER A 391 12.09 16.65 -18.45
N MET A 392 11.56 15.73 -19.25
CA MET A 392 12.38 14.74 -19.92
C MET A 392 11.81 14.50 -21.30
N GLY A 393 12.67 14.07 -22.21
CA GLY A 393 12.21 13.69 -23.53
C GLY A 393 11.36 12.43 -23.48
N ALA A 394 10.58 12.23 -24.55
CA ALA A 394 9.65 11.10 -24.59
C ALA A 394 10.39 9.77 -24.42
N GLU A 395 11.58 9.65 -24.99
CA GLU A 395 12.31 8.39 -24.95
C GLU A 395 12.79 8.02 -23.54
N LYS A 396 12.67 8.92 -22.58
CA LYS A 396 12.99 8.63 -21.20
C LYS A 396 11.76 8.37 -20.33
N VAL A 397 10.55 8.47 -20.90
CA VAL A 397 9.34 8.08 -20.18
C VAL A 397 9.18 6.57 -20.32
N GLY A 398 9.08 5.87 -19.20
CA GLY A 398 8.93 4.42 -19.22
C GLY A 398 7.71 3.99 -18.45
N LEU A 399 6.62 4.74 -18.59
CA LEU A 399 5.38 4.49 -17.88
C LEU A 399 4.23 4.53 -18.89
N VAL A 400 3.41 3.49 -18.88
CA VAL A 400 2.25 3.41 -19.77
C VAL A 400 1.03 3.20 -18.88
N LEU A 401 0.07 4.12 -18.96
CA LEU A 401 -1.19 4.04 -18.23
C LEU A 401 -2.33 3.62 -19.17
N GLN A 402 -3.42 3.14 -18.58
CA GLN A 402 -4.56 2.66 -19.39
C GLN A 402 -5.55 3.76 -19.77
N GLY B 10 13.48 -21.75 23.36
CA GLY B 10 14.25 -20.53 23.19
C GLY B 10 15.17 -20.23 24.36
N PRO B 11 16.29 -20.96 24.43
CA PRO B 11 17.14 -20.88 25.63
C PRO B 11 17.80 -19.51 25.85
N ALA B 12 17.82 -18.64 24.85
CA ALA B 12 18.58 -17.39 24.92
C ALA B 12 17.67 -16.24 25.38
N LYS B 13 18.00 -15.63 26.52
CA LYS B 13 17.22 -14.51 27.04
C LYS B 13 18.09 -13.30 27.38
N THR B 14 19.37 -13.52 27.65
CA THR B 14 20.37 -12.46 27.75
C THR B 14 21.37 -12.60 26.61
N MET B 15 22.23 -11.58 26.47
CA MET B 15 23.25 -11.60 25.42
C MET B 15 24.56 -12.22 25.86
N GLU B 16 24.80 -12.30 27.17
CA GLU B 16 25.86 -13.19 27.65
C GLU B 16 25.47 -14.65 27.42
N GLU B 17 24.17 -14.94 27.51
CA GLU B 17 23.67 -16.28 27.21
C GLU B 17 23.80 -16.60 25.72
N ALA B 18 23.33 -15.69 24.86
CA ALA B 18 23.34 -15.89 23.42
C ALA B 18 24.71 -15.73 22.79
N SER B 19 25.69 -15.20 23.52
CA SER B 19 27.05 -15.05 22.98
C SER B 19 27.59 -16.38 22.50
N LYS B 20 27.42 -17.43 23.31
CA LYS B 20 28.01 -18.74 23.03
C LYS B 20 27.27 -19.48 21.92
N ARG B 21 25.95 -19.39 21.89
CA ARG B 21 25.12 -20.25 21.06
C ARG B 21 25.40 -20.03 19.57
N SER B 22 24.95 -20.99 18.76
CA SER B 22 24.93 -20.90 17.30
C SER B 22 23.48 -20.84 16.83
N TYR B 23 23.26 -20.20 15.68
CA TYR B 23 21.92 -19.96 15.17
C TYR B 23 21.76 -20.61 13.80
N GLN B 24 21.34 -21.88 13.81
CA GLN B 24 21.22 -22.66 12.59
C GLN B 24 20.33 -21.95 11.57
N PHE B 25 19.18 -21.43 12.02
CA PHE B 25 18.31 -20.73 11.09
C PHE B 25 18.77 -19.29 10.84
N TRP B 26 18.98 -18.51 11.90
CA TRP B 26 19.21 -17.08 11.74
C TRP B 26 20.54 -16.76 11.05
N ASP B 27 21.53 -17.65 11.13
CA ASP B 27 22.76 -17.43 10.34
C ASP B 27 22.51 -17.50 8.84
N THR B 28 21.40 -18.08 8.39
CA THR B 28 21.07 -18.07 6.98
C THR B 28 20.30 -16.82 6.55
N GLN B 29 19.94 -15.95 7.47
CA GLN B 29 19.01 -14.86 7.13
C GLN B 29 19.75 -13.54 6.96
N PRO B 30 19.13 -12.55 6.29
CA PRO B 30 19.81 -11.26 6.10
C PRO B 30 19.63 -10.34 7.31
N VAL B 31 20.27 -10.72 8.41
CA VAL B 31 20.32 -9.94 9.64
C VAL B 31 21.78 -9.87 10.08
N PRO B 32 22.22 -8.82 10.79
CA PRO B 32 23.62 -8.77 11.23
C PRO B 32 23.93 -9.86 12.25
N LYS B 33 25.23 -10.16 12.39
CA LYS B 33 25.68 -11.14 13.35
C LYS B 33 25.68 -10.57 14.78
N LEU B 34 25.46 -11.45 15.76
CA LEU B 34 25.30 -11.01 17.15
C LEU B 34 26.50 -10.22 17.64
N GLY B 35 27.72 -10.65 17.31
CA GLY B 35 28.88 -9.91 17.76
C GLY B 35 29.05 -8.58 17.06
N GLU B 36 28.75 -8.54 15.76
CA GLU B 36 28.92 -7.39 14.89
C GLU B 36 28.47 -6.08 15.54
N VAL B 37 29.32 -5.07 15.49
CA VAL B 37 28.94 -3.69 15.79
C VAL B 37 28.78 -3.00 14.45
N VAL B 38 27.63 -2.36 14.26
CA VAL B 38 27.21 -1.88 12.95
C VAL B 38 27.34 -0.37 12.92
N ASN B 39 27.93 0.15 11.85
CA ASN B 39 27.97 1.60 11.68
C ASN B 39 27.42 2.05 10.33
N THR B 40 26.93 1.12 9.51
CA THR B 40 26.30 1.44 8.24
C THR B 40 24.79 1.53 8.43
N HIS B 41 24.09 1.96 7.38
CA HIS B 41 22.63 2.07 7.37
C HIS B 41 22.12 1.58 6.03
N GLY B 42 21.43 0.45 5.99
CA GLY B 42 20.84 0.01 4.75
C GLY B 42 20.51 -1.47 4.67
N PRO B 43 20.00 -1.90 3.52
CA PRO B 43 19.62 -3.31 3.37
C PRO B 43 20.82 -4.23 3.44
N VAL B 44 20.57 -5.46 3.88
CA VAL B 44 21.62 -6.47 3.86
C VAL B 44 21.73 -7.10 2.50
N GLU B 45 20.60 -7.35 1.83
CA GLU B 45 20.62 -7.99 0.53
C GLU B 45 19.73 -7.21 -0.44
N PRO B 46 19.98 -7.32 -1.74
CA PRO B 46 19.18 -6.58 -2.71
C PRO B 46 17.74 -7.08 -2.77
N ASP B 47 16.82 -6.16 -3.07
CA ASP B 47 15.45 -6.55 -3.38
C ASP B 47 15.44 -7.65 -4.45
N LYS B 48 14.51 -8.57 -4.33
CA LYS B 48 14.43 -9.69 -5.27
C LYS B 48 13.53 -9.31 -6.44
N ASP B 49 14.05 -9.41 -7.66
CA ASP B 49 13.17 -9.23 -8.81
C ASP B 49 12.63 -10.55 -9.30
N ASN B 50 12.82 -11.60 -8.53
CA ASN B 50 12.41 -12.95 -8.89
C ASN B 50 12.04 -13.65 -7.58
N ILE B 51 10.77 -13.96 -7.37
CA ILE B 51 10.35 -14.54 -6.10
C ILE B 51 9.76 -15.93 -6.30
N ARG B 52 10.19 -16.86 -5.44
CA ARG B 52 9.66 -18.22 -5.39
C ARG B 52 8.13 -18.23 -5.39
N GLN B 53 7.55 -18.93 -6.36
CA GLN B 53 6.10 -18.95 -6.52
C GLN B 53 5.41 -20.01 -5.69
N GLU B 54 6.14 -21.04 -5.28
CA GLU B 54 5.54 -22.16 -4.55
C GLU B 54 5.70 -21.94 -3.05
N PRO B 55 4.68 -22.26 -2.27
CA PRO B 55 4.84 -22.25 -0.81
C PRO B 55 5.92 -23.24 -0.39
N TYR B 56 6.59 -22.93 0.73
CA TYR B 56 7.59 -23.85 1.27
C TYR B 56 6.92 -25.13 1.77
N THR B 57 7.70 -26.21 1.74
CA THR B 57 7.20 -27.52 2.12
C THR B 57 7.08 -27.62 3.63
N LEU B 58 5.89 -28.00 4.09
CA LEU B 58 5.63 -28.32 5.48
C LEU B 58 5.88 -29.80 5.73
N PRO B 59 6.11 -30.19 6.99
CA PRO B 59 6.18 -31.61 7.31
C PRO B 59 4.94 -32.35 6.84
N GLN B 60 5.11 -33.64 6.58
CA GLN B 60 4.03 -34.48 6.07
C GLN B 60 2.81 -34.39 6.98
N GLY B 61 1.64 -34.23 6.38
CA GLY B 61 0.41 -34.14 7.17
C GLY B 61 0.02 -32.76 7.64
N PHE B 62 0.69 -31.71 7.17
CA PHE B 62 0.33 -30.31 7.49
C PHE B 62 0.26 -29.50 6.21
N THR B 63 -0.59 -28.46 6.22
CA THR B 63 -0.81 -27.66 5.04
C THR B 63 -1.02 -26.20 5.41
N TRP B 64 -0.74 -25.32 4.46
CA TRP B 64 -0.98 -23.89 4.61
C TRP B 64 -2.46 -23.57 4.46
N ASP B 65 -2.91 -22.57 5.22
CA ASP B 65 -4.24 -22.01 5.02
C ASP B 65 -4.25 -20.55 5.48
N ALA B 66 -4.60 -19.65 4.58
CA ALA B 66 -4.77 -18.25 4.95
C ALA B 66 -6.08 -18.07 5.72
N LEU B 67 -6.02 -17.46 6.89
CA LEU B 67 -7.18 -17.39 7.76
C LEU B 67 -7.98 -16.12 7.50
N ASP B 68 -9.23 -16.27 7.06
CA ASP B 68 -10.15 -15.14 6.89
C ASP B 68 -10.71 -14.76 8.26
N LEU B 69 -10.15 -13.71 8.88
CA LEU B 69 -10.58 -13.37 10.23
C LEU B 69 -11.96 -12.75 10.28
N GLY B 70 -12.52 -12.36 9.12
CA GLY B 70 -13.91 -11.94 9.08
C GLY B 70 -14.87 -13.08 9.26
N ASP B 71 -14.39 -14.31 9.09
CA ASP B 71 -15.16 -15.51 9.41
C ASP B 71 -15.07 -15.77 10.90
N ARG B 72 -16.23 -15.73 11.58
CA ARG B 72 -16.22 -15.81 13.03
C ARG B 72 -15.69 -17.14 13.52
N GLY B 73 -16.10 -18.23 12.87
CA GLY B 73 -15.57 -19.53 13.21
C GLY B 73 -14.05 -19.60 13.09
N VAL B 74 -13.50 -19.00 12.03
CA VAL B 74 -12.05 -19.03 11.84
C VAL B 74 -11.36 -18.18 12.90
N LEU B 75 -11.87 -16.98 13.15
CA LEU B 75 -11.30 -16.13 14.20
C LEU B 75 -11.25 -16.85 15.53
N LYS B 76 -12.33 -17.58 15.86
CA LYS B 76 -12.34 -18.35 17.10
C LYS B 76 -11.26 -19.42 17.11
N GLU B 77 -11.04 -20.07 15.97
CA GLU B 77 -9.93 -21.02 15.90
C GLU B 77 -8.60 -20.35 16.24
N LEU B 78 -8.38 -19.13 15.76
CA LEU B 78 -7.10 -18.49 15.99
C LEU B 78 -6.92 -18.11 17.46
N TYR B 79 -7.92 -17.47 18.07
CA TYR B 79 -7.69 -17.10 19.46
C TYR B 79 -7.62 -18.32 20.35
N THR B 80 -8.27 -19.42 19.96
CA THR B 80 -8.10 -20.65 20.74
C THR B 80 -6.67 -21.16 20.66
N LEU B 81 -6.10 -21.17 19.45
CA LEU B 81 -4.68 -21.53 19.30
C LEU B 81 -3.79 -20.59 20.10
N LEU B 82 -4.04 -19.27 19.99
CA LEU B 82 -3.19 -18.34 20.72
C LEU B 82 -3.41 -18.46 22.22
N ASN B 83 -4.66 -18.57 22.66
CA ASN B 83 -4.90 -18.62 24.10
C ASN B 83 -4.32 -19.86 24.74
N GLU B 84 -4.12 -20.94 23.98
CA GLU B 84 -3.60 -22.18 24.56
C GLU B 84 -2.12 -22.41 24.27
N ASN B 85 -1.53 -21.71 23.30
CA ASN B 85 -0.16 -21.99 22.90
C ASN B 85 0.75 -20.79 22.72
N TYR B 86 0.27 -19.55 22.96
CA TYR B 86 1.10 -18.37 22.70
C TYR B 86 1.87 -17.96 23.96
N VAL B 87 2.37 -16.71 23.99
CA VAL B 87 3.41 -16.27 24.93
C VAL B 87 2.94 -16.39 26.37
N GLU B 88 3.80 -16.99 27.21
CA GLU B 88 3.64 -17.03 28.66
C GLU B 88 4.77 -16.26 29.33
N ASP B 89 4.51 -15.84 30.57
CA ASP B 89 5.55 -15.19 31.38
C ASP B 89 6.64 -16.21 31.73
N ASP B 90 7.74 -15.68 32.27
CA ASP B 90 8.89 -16.53 32.55
C ASP B 90 8.56 -17.61 33.58
N ASP B 91 7.71 -17.30 34.56
CA ASP B 91 7.37 -18.24 35.61
C ASP B 91 6.24 -19.20 35.23
N ASN B 92 5.72 -19.12 34.00
CA ASN B 92 4.73 -20.07 33.47
C ASN B 92 3.45 -20.08 34.30
N MET B 93 2.99 -18.91 34.72
CA MET B 93 1.77 -18.80 35.50
C MET B 93 0.68 -17.94 34.87
N PHE B 94 0.99 -17.16 33.84
CA PHE B 94 0.02 -16.29 33.20
C PHE B 94 0.24 -16.31 31.69
N ARG B 95 -0.84 -16.53 30.95
CA ARG B 95 -0.82 -16.48 29.50
C ARG B 95 -1.81 -15.44 29.00
N PHE B 96 -1.39 -14.67 28.01
CA PHE B 96 -2.28 -13.71 27.37
C PHE B 96 -3.60 -14.36 26.97
N ASP B 97 -4.68 -13.59 27.15
CA ASP B 97 -6.04 -13.97 26.77
C ASP B 97 -6.48 -13.00 25.67
N TYR B 98 -6.27 -13.39 24.41
CA TYR B 98 -6.66 -12.54 23.29
C TYR B 98 -8.14 -12.68 23.02
N SER B 99 -8.85 -11.54 22.98
CA SER B 99 -10.22 -11.61 22.54
C SER B 99 -10.29 -11.55 21.01
N PRO B 100 -11.33 -12.12 20.40
CA PRO B 100 -11.46 -11.97 18.95
C PRO B 100 -11.49 -10.52 18.50
N GLU B 101 -12.11 -9.63 19.29
CA GLU B 101 -12.14 -8.22 18.95
C GLU B 101 -10.76 -7.61 19.00
N PHE B 102 -9.95 -7.99 19.99
CA PHE B 102 -8.59 -7.49 20.03
C PHE B 102 -7.81 -7.93 18.80
N LEU B 103 -7.96 -9.19 18.41
CA LEU B 103 -7.20 -9.69 17.26
C LEU B 103 -7.59 -8.98 15.97
N LEU B 104 -8.87 -8.66 15.80
CA LEU B 104 -9.26 -7.91 14.60
C LEU B 104 -8.58 -6.55 14.56
N TRP B 105 -8.43 -5.91 15.73
CA TRP B 105 -7.75 -4.63 15.83
C TRP B 105 -6.26 -4.77 15.50
N ALA B 106 -5.60 -5.79 16.06
CA ALA B 106 -4.18 -5.94 15.83
C ALA B 106 -3.88 -6.42 14.42
N LEU B 107 -4.79 -7.19 13.83
CA LEU B 107 -4.50 -7.92 12.61
C LEU B 107 -5.22 -7.38 11.38
N ARG B 108 -6.20 -6.48 11.54
CA ARG B 108 -6.73 -5.86 10.34
C ARG B 108 -6.62 -4.33 10.37
N PRO B 109 -5.43 -3.77 10.56
CA PRO B 109 -5.28 -2.33 10.37
C PRO B 109 -5.36 -2.00 8.89
N PRO B 110 -5.37 -0.72 8.54
CA PRO B 110 -5.39 -0.34 7.12
C PRO B 110 -4.28 -1.00 6.32
N GLY B 111 -4.65 -1.58 5.19
CA GLY B 111 -3.72 -2.26 4.31
C GLY B 111 -3.54 -3.74 4.59
N TRP B 112 -4.24 -4.30 5.57
CA TRP B 112 -4.07 -5.72 5.88
C TRP B 112 -4.36 -6.57 4.66
N LEU B 113 -3.66 -7.71 4.56
CA LEU B 113 -3.84 -8.61 3.42
C LEU B 113 -4.18 -10.02 3.92
N PRO B 114 -5.15 -10.69 3.30
CA PRO B 114 -5.55 -12.02 3.80
C PRO B 114 -4.43 -13.05 3.71
N GLN B 115 -3.60 -12.98 2.66
CA GLN B 115 -2.51 -13.95 2.56
C GLN B 115 -1.46 -13.76 3.65
N TRP B 116 -1.49 -12.64 4.38
CA TRP B 116 -0.55 -12.40 5.48
C TRP B 116 -1.08 -12.89 6.83
N HIS B 117 -2.24 -13.54 6.86
CA HIS B 117 -2.73 -14.20 8.07
C HIS B 117 -2.50 -15.69 7.82
N CYS B 118 -1.27 -16.12 8.06
CA CYS B 118 -0.73 -17.36 7.49
C CYS B 118 -0.86 -18.49 8.52
N GLY B 119 -1.84 -19.38 8.32
CA GLY B 119 -2.08 -20.48 9.22
C GLY B 119 -1.53 -21.80 8.72
N VAL B 120 -1.34 -22.73 9.66
CA VAL B 120 -0.98 -24.11 9.37
C VAL B 120 -2.05 -25.02 9.98
N ARG B 121 -2.51 -25.99 9.19
CA ARG B 121 -3.55 -26.90 9.62
C ARG B 121 -3.12 -28.33 9.39
N VAL B 122 -3.61 -29.22 10.27
CA VAL B 122 -3.49 -30.66 10.03
C VAL B 122 -4.29 -31.02 8.78
N VAL B 123 -3.67 -31.78 7.88
CA VAL B 123 -4.32 -32.09 6.60
C VAL B 123 -5.62 -32.85 6.81
N SER B 124 -5.62 -33.86 7.68
CA SER B 124 -6.79 -34.74 7.76
C SER B 124 -7.93 -34.12 8.57
N SER B 125 -7.62 -33.49 9.70
CA SER B 125 -8.64 -32.92 10.58
C SER B 125 -8.92 -31.44 10.30
N ARG B 126 -8.03 -30.73 9.61
CA ARG B 126 -8.08 -29.28 9.41
C ARG B 126 -7.87 -28.50 10.70
N LYS B 127 -7.40 -29.14 11.77
CA LYS B 127 -7.15 -28.42 13.02
C LYS B 127 -6.06 -27.38 12.83
N LEU B 128 -6.30 -26.19 13.37
CA LEU B 128 -5.30 -25.12 13.29
C LEU B 128 -4.21 -25.39 14.32
N VAL B 129 -2.98 -25.53 13.85
CA VAL B 129 -1.85 -25.83 14.74
C VAL B 129 -0.68 -24.87 14.58
N GLY B 130 -0.77 -23.86 13.71
CA GLY B 130 0.30 -22.88 13.59
C GLY B 130 -0.20 -21.59 12.97
N PHE B 131 0.52 -20.50 13.25
CA PHE B 131 0.13 -19.20 12.73
C PHE B 131 1.31 -18.24 12.74
N ILE B 132 1.30 -17.31 11.78
CA ILE B 132 2.17 -16.13 11.82
C ILE B 132 1.51 -15.07 10.94
N SER B 133 1.72 -13.80 11.29
CA SER B 133 1.08 -12.72 10.57
C SER B 133 2.03 -11.58 10.21
N ALA B 134 1.68 -10.90 9.13
CA ALA B 134 2.33 -9.66 8.75
C ALA B 134 1.25 -8.59 8.57
N ILE B 135 1.58 -7.36 8.98
CA ILE B 135 0.73 -6.21 8.66
C ILE B 135 1.63 -5.09 8.11
N PRO B 136 1.14 -4.29 7.16
CA PRO B 136 2.00 -3.26 6.58
C PRO B 136 2.21 -2.13 7.55
N ALA B 137 3.39 -1.53 7.48
CA ALA B 137 3.63 -0.32 8.25
C ALA B 137 4.78 0.44 7.62
N ASN B 138 4.60 1.75 7.51
N ASN B 138 4.58 1.75 7.50
CA ASN B 138 5.70 2.61 7.13
CA ASN B 138 5.64 2.68 7.17
C ASN B 138 6.52 2.93 8.38
C ASN B 138 6.51 2.88 8.41
N ILE B 139 7.81 2.69 8.29
CA ILE B 139 8.71 2.71 9.44
C ILE B 139 9.81 3.72 9.20
N HIS B 140 10.00 4.62 10.16
CA HIS B 140 11.12 5.55 10.16
C HIS B 140 12.25 4.93 10.97
N ILE B 141 13.42 4.78 10.36
CA ILE B 141 14.56 4.19 11.04
C ILE B 141 15.74 5.10 10.76
N TYR B 142 16.19 5.82 11.79
CA TYR B 142 17.21 6.85 11.65
C TYR B 142 16.79 7.84 10.57
N ASP B 143 17.58 7.97 9.50
CA ASP B 143 17.24 8.96 8.47
C ASP B 143 16.53 8.34 7.26
N THR B 144 15.97 7.14 7.41
CA THR B 144 15.25 6.52 6.31
C THR B 144 13.82 6.18 6.71
N GLU B 145 12.90 6.38 5.78
CA GLU B 145 11.54 5.89 5.89
C GLU B 145 11.33 4.81 4.83
N LYS B 146 10.87 3.65 5.28
CA LYS B 146 10.66 2.48 4.43
C LYS B 146 9.28 1.88 4.70
N LYS B 147 8.60 1.46 3.63
CA LYS B 147 7.45 0.56 3.78
C LYS B 147 7.96 -0.81 4.22
N MET B 148 7.46 -1.30 5.37
CA MET B 148 7.86 -2.59 5.93
C MET B 148 6.60 -3.37 6.31
N VAL B 149 6.80 -4.55 6.90
CA VAL B 149 5.71 -5.22 7.60
C VAL B 149 6.12 -5.38 9.06
N GLU B 150 5.10 -5.50 9.92
CA GLU B 150 5.29 -5.94 11.30
C GLU B 150 4.85 -7.39 11.43
N ILE B 151 5.70 -8.21 12.02
CA ILE B 151 5.44 -9.65 12.16
C ILE B 151 4.96 -9.88 13.59
N ASN B 152 3.89 -10.63 13.75
CA ASN B 152 3.38 -10.88 15.08
C ASN B 152 2.77 -12.26 15.14
N PHE B 153 2.57 -12.74 16.36
CA PHE B 153 1.75 -13.91 16.63
C PHE B 153 2.30 -15.19 15.98
N LEU B 154 3.62 -15.30 15.89
CA LEU B 154 4.23 -16.57 15.58
C LEU B 154 3.87 -17.58 16.66
N CYS B 155 3.11 -18.62 16.29
CA CYS B 155 2.59 -19.57 17.26
C CYS B 155 2.54 -20.98 16.67
N VAL B 156 3.17 -21.92 17.36
CA VAL B 156 3.19 -23.33 17.00
C VAL B 156 2.55 -24.13 18.14
N HIS B 157 1.55 -24.95 17.81
CA HIS B 157 0.88 -25.77 18.82
C HIS B 157 1.90 -26.48 19.70
N LYS B 158 1.63 -26.54 21.00
CA LYS B 158 2.60 -27.10 21.94
C LYS B 158 2.97 -28.54 21.59
N LYS B 159 2.07 -29.26 20.91
CA LYS B 159 2.36 -30.63 20.50
C LYS B 159 3.15 -30.73 19.19
N LEU B 160 3.42 -29.61 18.53
CA LEU B 160 4.05 -29.63 17.23
C LEU B 160 5.50 -29.17 17.23
N ARG B 161 6.02 -28.64 18.33
CA ARG B 161 7.38 -28.10 18.34
C ARG B 161 8.42 -29.15 17.95
N SER B 162 8.00 -30.39 17.70
CA SER B 162 8.90 -31.49 17.38
C SER B 162 9.44 -31.42 15.95
N LYS B 163 8.85 -30.60 15.08
CA LYS B 163 9.19 -30.67 13.67
C LYS B 163 9.85 -29.40 13.12
N ARG B 164 10.32 -28.51 13.99
CA ARG B 164 10.95 -27.25 13.58
C ARG B 164 10.06 -26.51 12.56
N VAL B 165 8.82 -26.28 12.98
CA VAL B 165 7.87 -25.61 12.09
C VAL B 165 8.14 -24.09 12.04
N ALA B 166 8.68 -23.51 13.11
CA ALA B 166 8.86 -22.06 13.16
C ALA B 166 9.72 -21.53 12.01
N PRO B 167 10.88 -22.08 11.69
CA PRO B 167 11.62 -21.57 10.52
C PRO B 167 10.83 -21.64 9.23
N VAL B 168 9.96 -22.63 9.07
CA VAL B 168 9.17 -22.75 7.84
C VAL B 168 8.14 -21.63 7.78
N LEU B 169 7.48 -21.38 8.91
CA LEU B 169 6.56 -20.27 9.02
C LEU B 169 7.24 -18.95 8.69
N ILE B 170 8.48 -18.76 9.15
CA ILE B 170 9.17 -17.49 8.93
C ILE B 170 9.49 -17.32 7.46
N ARG B 171 9.99 -18.37 6.81
CA ARG B 171 10.35 -18.26 5.41
C ARG B 171 9.10 -18.04 4.56
N GLU B 172 8.00 -18.70 4.91
CA GLU B 172 6.80 -18.58 4.10
C GLU B 172 6.17 -17.19 4.23
N ILE B 173 6.13 -16.62 5.43
CA ILE B 173 5.61 -15.24 5.51
C ILE B 173 6.57 -14.29 4.81
N THR B 174 7.88 -14.58 4.87
CA THR B 174 8.85 -13.78 4.13
C THR B 174 8.56 -13.83 2.64
N ARG B 175 8.34 -15.03 2.11
CA ARG B 175 8.00 -15.20 0.70
C ARG B 175 6.75 -14.41 0.34
N ARG B 176 5.70 -14.53 1.16
CA ARG B 176 4.43 -13.86 0.85
C ARG B 176 4.55 -12.36 0.93
N VAL B 177 5.45 -11.85 1.77
CA VAL B 177 5.68 -10.40 1.84
C VAL B 177 6.52 -9.97 0.64
N HIS B 178 7.52 -10.77 0.25
CA HIS B 178 8.29 -10.44 -0.94
C HIS B 178 7.39 -10.30 -2.16
N LEU B 179 6.40 -11.20 -2.30
CA LEU B 179 5.54 -11.14 -3.49
C LEU B 179 4.83 -9.79 -3.60
N GLU B 180 4.67 -9.09 -2.50
CA GLU B 180 4.07 -7.77 -2.52
C GLU B 180 5.09 -6.66 -2.64
N GLY B 181 6.36 -6.99 -2.90
CA GLY B 181 7.37 -5.98 -3.08
C GLY B 181 7.86 -5.30 -1.82
N ILE B 182 7.79 -5.97 -0.67
CA ILE B 182 8.30 -5.44 0.60
C ILE B 182 9.46 -6.32 1.06
N PHE B 183 10.56 -5.69 1.47
CA PHE B 183 11.80 -6.43 1.72
C PHE B 183 12.40 -6.14 3.10
N GLN B 184 11.70 -5.40 3.95
CA GLN B 184 12.12 -5.19 5.32
C GLN B 184 10.97 -5.53 6.25
N ALA B 185 11.30 -5.90 7.49
CA ALA B 185 10.31 -6.16 8.53
C ALA B 185 10.82 -5.67 9.88
N VAL B 186 9.88 -5.36 10.76
CA VAL B 186 10.20 -5.14 12.17
C VAL B 186 9.42 -6.16 12.99
N TYR B 187 10.02 -6.60 14.10
CA TYR B 187 9.41 -7.60 14.98
C TYR B 187 10.09 -7.54 16.34
N THR B 188 9.42 -8.07 17.35
CA THR B 188 9.97 -8.16 18.70
C THR B 188 9.94 -9.61 19.18
N ALA B 189 10.70 -9.87 20.24
CA ALA B 189 10.76 -11.19 20.85
C ALA B 189 11.36 -11.06 22.24
N GLY B 190 10.92 -11.94 23.14
CA GLY B 190 11.49 -12.02 24.46
C GLY B 190 12.84 -12.69 24.51
N VAL B 191 13.26 -13.29 23.40
CA VAL B 191 14.51 -14.03 23.34
C VAL B 191 15.53 -13.21 22.55
N VAL B 192 16.80 -13.55 22.72
CA VAL B 192 17.88 -12.86 22.04
C VAL B 192 18.21 -13.63 20.76
N LEU B 193 18.12 -12.96 19.62
CA LEU B 193 18.46 -13.50 18.32
C LEU B 193 19.41 -12.53 17.64
N PRO B 194 20.03 -12.93 16.53
CA PRO B 194 20.74 -11.95 15.70
C PRO B 194 19.73 -11.07 14.98
N LYS B 195 19.84 -9.75 15.12
CA LYS B 195 20.56 -9.02 16.17
C LYS B 195 19.65 -7.87 16.65
N PRO B 196 19.48 -7.69 17.96
CA PRO B 196 18.56 -6.65 18.42
C PRO B 196 18.99 -5.26 17.98
N VAL B 197 18.03 -4.47 17.53
CA VAL B 197 18.29 -3.06 17.27
C VAL B 197 18.09 -2.25 18.54
N GLY B 198 17.37 -2.80 19.52
CA GLY B 198 17.19 -2.17 20.82
C GLY B 198 16.64 -3.18 21.79
N THR B 199 16.93 -2.99 23.07
CA THR B 199 16.45 -3.88 24.12
C THR B 199 15.64 -3.04 25.10
N CYS B 200 14.39 -3.44 25.33
CA CYS B 200 13.51 -2.76 26.27
C CYS B 200 13.15 -3.68 27.43
N ARG B 201 12.66 -3.07 28.50
CA ARG B 201 12.32 -3.79 29.72
C ARG B 201 10.91 -3.42 30.12
N TYR B 202 10.12 -4.42 30.48
CA TYR B 202 8.77 -4.17 30.97
C TYR B 202 8.80 -3.76 32.44
N TRP B 203 7.94 -2.82 32.79
CA TRP B 203 7.71 -2.41 34.16
C TRP B 203 6.22 -2.51 34.45
N HIS B 204 5.88 -2.71 35.72
CA HIS B 204 4.50 -2.96 36.12
C HIS B 204 4.11 -1.99 37.23
N ARG B 205 2.86 -1.53 37.20
CA ARG B 205 2.33 -0.62 38.22
C ARG B 205 1.07 -1.24 38.82
N SER B 206 1.17 -1.74 40.06
CA SER B 206 0.02 -2.33 40.71
C SER B 206 -1.08 -1.29 40.87
N LEU B 207 -2.30 -1.70 40.58
CA LEU B 207 -3.51 -0.92 40.76
C LEU B 207 -4.48 -1.58 41.72
N ASN B 208 -4.57 -2.91 41.66
CA ASN B 208 -5.38 -3.71 42.57
C ASN B 208 -4.43 -4.65 43.30
N PRO B 209 -3.62 -4.13 44.24
CA PRO B 209 -2.56 -4.97 44.83
C PRO B 209 -3.07 -6.18 45.57
N ARG B 210 -4.30 -6.14 46.10
CA ARG B 210 -4.84 -7.29 46.82
C ARG B 210 -5.00 -8.49 45.90
N LYS B 211 -5.63 -8.28 44.73
CA LYS B 211 -5.79 -9.38 43.79
C LYS B 211 -4.46 -9.83 43.21
N LEU B 212 -3.55 -8.89 42.95
CA LEU B 212 -2.26 -9.25 42.36
C LEU B 212 -1.48 -10.16 43.29
N ILE B 213 -1.51 -9.90 44.60
CA ILE B 213 -0.81 -10.77 45.53
C ILE B 213 -1.54 -12.09 45.66
N GLU B 214 -2.88 -12.08 45.56
CA GLU B 214 -3.64 -13.31 45.71
C GLU B 214 -3.33 -14.30 44.59
N VAL B 215 -3.18 -13.80 43.35
CA VAL B 215 -2.91 -14.69 42.23
C VAL B 215 -1.40 -14.84 42.02
N LYS B 216 -0.63 -14.29 42.96
CA LYS B 216 0.83 -14.42 42.98
C LYS B 216 1.51 -13.71 41.81
N PHE B 217 0.82 -12.81 41.12
CA PHE B 217 1.50 -11.94 40.17
C PHE B 217 2.55 -11.08 40.87
N SER B 218 2.24 -10.61 42.08
CA SER B 218 3.19 -9.91 42.92
C SER B 218 3.23 -10.55 44.30
N HIS B 219 4.25 -10.21 45.06
CA HIS B 219 4.44 -10.79 46.38
C HIS B 219 4.62 -9.69 47.42
N LEU B 220 4.10 -9.92 48.62
CA LEU B 220 4.21 -8.96 49.71
C LEU B 220 5.68 -8.71 50.07
N SER B 221 6.07 -7.43 50.07
CA SER B 221 7.47 -7.08 50.18
C SER B 221 8.00 -7.25 51.61
N ARG B 222 9.31 -7.04 51.75
CA ARG B 222 10.00 -7.22 53.03
C ARG B 222 9.40 -6.35 54.11
N ASN B 223 8.75 -6.97 55.09
CA ASN B 223 8.15 -6.30 56.24
C ASN B 223 7.18 -5.19 55.78
N MET B 224 6.14 -5.63 55.07
CA MET B 224 5.05 -4.74 54.68
C MET B 224 3.74 -5.50 54.75
N THR B 225 2.75 -4.95 55.44
CA THR B 225 1.44 -5.57 55.53
C THR B 225 0.68 -5.40 54.21
N MET B 226 -0.37 -6.20 54.06
CA MET B 226 -1.34 -5.96 53.01
C MET B 226 -1.90 -4.55 53.11
N GLN B 227 -2.27 -4.12 54.33
CA GLN B 227 -2.82 -2.78 54.51
C GLN B 227 -1.84 -1.72 54.07
N ARG B 228 -0.55 -1.90 54.37
CA ARG B 228 0.45 -0.90 53.99
C ARG B 228 0.67 -0.88 52.47
N THR B 229 0.45 -2.02 51.81
CA THR B 229 0.62 -2.08 50.37
C THR B 229 -0.49 -1.32 49.65
N MET B 230 -1.73 -1.52 50.09
CA MET B 230 -2.86 -0.76 49.57
C MET B 230 -2.58 0.74 49.62
N LYS B 231 -2.14 1.24 50.78
CA LYS B 231 -1.92 2.67 50.93
C LYS B 231 -0.85 3.17 49.97
N LEU B 232 0.24 2.42 49.83
CA LEU B 232 1.32 2.84 48.95
C LEU B 232 0.82 3.04 47.51
N TYR B 233 -0.07 2.17 47.04
CA TYR B 233 -0.51 2.17 45.65
C TYR B 233 -1.85 2.87 45.45
N ARG B 234 -2.43 3.42 46.52
CA ARG B 234 -3.71 4.11 46.41
C ARG B 234 -3.63 5.24 45.40
N LEU B 235 -4.68 5.38 44.60
CA LEU B 235 -4.72 6.44 43.61
C LEU B 235 -5.94 7.32 43.85
N PRO B 236 -5.89 8.60 43.45
CA PRO B 236 -7.10 9.43 43.48
C PRO B 236 -8.20 8.81 42.64
N GLU B 237 -9.43 9.25 42.89
CA GLU B 237 -10.57 8.68 42.17
C GLU B 237 -10.81 9.33 40.81
N THR B 238 -10.33 10.55 40.61
CA THR B 238 -10.51 11.22 39.33
C THR B 238 -9.20 11.87 38.91
N PRO B 239 -8.99 12.01 37.60
CA PRO B 239 -7.74 12.61 37.11
C PRO B 239 -7.61 14.09 37.45
N LYS B 240 -6.36 14.55 37.51
CA LYS B 240 -6.03 15.91 37.87
C LYS B 240 -5.98 16.86 36.67
N THR B 241 -5.67 16.36 35.47
CA THR B 241 -5.44 17.26 34.33
C THR B 241 -6.74 17.85 33.83
N ALA B 242 -6.72 19.18 33.70
CA ALA B 242 -7.86 19.94 33.20
C ALA B 242 -8.12 19.63 31.73
N GLY B 243 -9.36 19.36 31.40
CA GLY B 243 -9.76 19.18 30.03
C GLY B 243 -9.61 17.77 29.50
N LEU B 244 -9.24 16.81 30.34
CA LEU B 244 -9.08 15.42 29.91
C LEU B 244 -10.44 14.80 29.59
N ARG B 245 -10.54 14.15 28.43
CA ARG B 245 -11.77 13.53 27.97
C ARG B 245 -11.42 12.46 26.92
N PRO B 246 -12.30 11.49 26.70
CA PRO B 246 -12.04 10.49 25.65
C PRO B 246 -11.85 11.13 24.28
N MET B 247 -10.94 10.55 23.50
CA MET B 247 -10.79 10.93 22.10
C MET B 247 -12.10 10.69 21.33
N GLU B 248 -12.43 11.63 20.45
CA GLU B 248 -13.57 11.53 19.56
C GLU B 248 -13.11 11.66 18.10
N THR B 249 -14.03 11.37 17.19
CA THR B 249 -13.78 11.46 15.76
C THR B 249 -13.13 12.80 15.38
N LYS B 250 -13.66 13.89 15.95
CA LYS B 250 -13.15 15.22 15.63
C LYS B 250 -11.69 15.39 16.05
N ASP B 251 -11.21 14.57 16.98
CA ASP B 251 -9.81 14.65 17.41
C ASP B 251 -8.84 13.92 16.49
N ILE B 252 -9.31 13.15 15.52
CA ILE B 252 -8.40 12.33 14.72
C ILE B 252 -7.31 13.14 14.05
N PRO B 253 -7.59 14.26 13.37
CA PRO B 253 -6.48 15.00 12.74
C PRO B 253 -5.47 15.55 13.72
N VAL B 254 -5.91 16.12 14.85
CA VAL B 254 -4.93 16.73 15.75
C VAL B 254 -4.15 15.65 16.50
N VAL B 255 -4.76 14.49 16.78
CA VAL B 255 -3.99 13.37 17.35
C VAL B 255 -2.92 12.93 16.37
N HIS B 256 -3.29 12.84 15.10
CA HIS B 256 -2.31 12.50 14.07
C HIS B 256 -1.20 13.53 14.01
N GLN B 257 -1.56 14.82 14.07
CA GLN B 257 -0.54 15.85 14.03
C GLN B 257 0.36 15.80 15.25
N LEU B 258 -0.24 15.66 16.44
CA LEU B 258 0.54 15.61 17.67
C LEU B 258 1.51 14.43 17.66
N LEU B 259 1.03 13.25 17.27
CA LEU B 259 1.89 12.06 17.24
C LEU B 259 3.08 12.25 16.29
N THR B 260 2.80 12.74 15.08
CA THR B 260 3.84 12.78 14.05
C THR B 260 5.00 13.68 14.47
N ARG B 261 4.70 14.86 15.02
CA ARG B 261 5.76 15.74 15.50
C ARG B 261 6.45 15.15 16.73
N TYR B 262 5.69 14.54 17.63
CA TYR B 262 6.28 13.99 18.85
C TYR B 262 7.26 12.86 18.54
N LEU B 263 6.98 12.05 17.53
CA LEU B 263 7.81 10.87 17.24
C LEU B 263 9.12 11.22 16.55
N LYS B 264 9.28 12.45 16.07
CA LYS B 264 10.48 12.80 15.33
C LYS B 264 11.73 12.74 16.20
N GLN B 265 11.60 12.85 17.52
CA GLN B 265 12.75 12.83 18.42
C GLN B 265 13.35 11.44 18.61
N PHE B 266 12.70 10.38 18.15
CA PHE B 266 13.19 9.03 18.35
C PHE B 266 13.74 8.47 17.04
N HIS B 267 14.40 7.31 17.12
CA HIS B 267 15.11 6.77 15.97
C HIS B 267 14.41 5.59 15.29
N LEU B 268 13.45 4.94 15.96
CA LEU B 268 12.66 3.86 15.39
C LEU B 268 11.21 4.16 15.74
N THR B 269 10.40 4.50 14.75
CA THR B 269 9.04 4.96 15.00
C THR B 269 8.13 4.56 13.84
N PRO B 270 6.83 4.48 14.06
CA PRO B 270 5.90 4.34 12.94
C PRO B 270 5.62 5.69 12.28
N VAL B 271 5.22 5.63 11.02
CA VAL B 271 4.79 6.80 10.27
C VAL B 271 3.35 6.51 9.85
N MET B 272 2.38 7.06 10.58
CA MET B 272 0.99 6.70 10.41
C MET B 272 0.27 7.71 9.55
N SER B 273 -0.54 7.22 8.62
CA SER B 273 -1.51 8.06 7.95
C SER B 273 -2.63 8.45 8.92
N GLN B 274 -3.44 9.40 8.49
CA GLN B 274 -4.58 9.75 9.33
C GLN B 274 -5.54 8.57 9.47
N GLU B 275 -5.66 7.72 8.44
CA GLU B 275 -6.49 6.52 8.57
C GLU B 275 -5.90 5.53 9.57
N GLU B 276 -4.57 5.37 9.57
CA GLU B 276 -3.94 4.52 10.57
C GLU B 276 -4.10 5.08 11.98
N VAL B 277 -4.04 6.40 12.13
CA VAL B 277 -4.25 6.98 13.46
C VAL B 277 -5.64 6.64 13.97
N GLU B 278 -6.64 6.75 13.10
CA GLU B 278 -8.00 6.42 13.52
C GLU B 278 -8.07 4.98 13.99
N HIS B 279 -7.47 4.06 13.22
CA HIS B 279 -7.54 2.66 13.58
C HIS B 279 -6.86 2.38 14.91
N TRP B 280 -5.65 2.90 15.11
CA TRP B 280 -4.89 2.50 16.29
C TRP B 280 -5.33 3.24 17.56
N PHE B 281 -5.95 4.40 17.44
CA PHE B 281 -6.25 5.19 18.63
C PHE B 281 -7.72 5.42 18.92
N TYR B 282 -8.60 5.41 17.93
CA TYR B 282 -10.01 5.68 18.21
C TYR B 282 -10.52 4.66 19.23
N PRO B 283 -11.17 5.10 20.33
CA PRO B 283 -11.42 4.18 21.44
C PRO B 283 -12.35 3.03 21.07
N GLN B 284 -11.97 1.84 21.53
CA GLN B 284 -12.80 0.65 21.44
C GLN B 284 -12.78 -0.01 22.81
N GLU B 285 -13.96 -0.17 23.41
CA GLU B 285 -14.06 -0.71 24.76
C GLU B 285 -13.40 -2.08 24.86
N ASN B 286 -12.58 -2.25 25.90
CA ASN B 286 -11.85 -3.50 26.18
C ASN B 286 -10.75 -3.78 25.17
N ILE B 287 -10.36 -2.78 24.38
CA ILE B 287 -9.30 -2.94 23.40
C ILE B 287 -8.32 -1.77 23.47
N ILE B 288 -8.79 -0.57 23.15
CA ILE B 288 -7.91 0.59 23.09
C ILE B 288 -8.63 1.77 23.71
N ASP B 289 -7.94 2.48 24.60
CA ASP B 289 -8.45 3.69 25.24
C ASP B 289 -7.52 4.85 24.89
N THR B 290 -8.10 5.94 24.40
CA THR B 290 -7.35 7.17 24.15
C THR B 290 -8.10 8.34 24.78
N PHE B 291 -7.39 9.13 25.57
CA PHE B 291 -7.92 10.34 26.19
C PHE B 291 -7.08 11.52 25.73
N VAL B 292 -7.73 12.60 25.31
CA VAL B 292 -7.04 13.81 24.89
C VAL B 292 -7.20 14.87 25.97
N VAL B 293 -6.26 15.82 26.01
CA VAL B 293 -6.41 17.02 26.83
C VAL B 293 -6.86 18.15 25.93
N GLU B 294 -8.07 18.65 26.16
CA GLU B 294 -8.59 19.82 25.48
C GLU B 294 -8.57 20.99 26.44
N ASN B 295 -7.83 22.04 26.11
CA ASN B 295 -7.55 23.08 27.09
C ASN B 295 -8.66 24.15 27.08
N ALA B 296 -8.44 25.23 27.83
CA ALA B 296 -9.45 26.27 27.99
C ALA B 296 -9.72 27.03 26.70
N ASN B 297 -8.81 26.94 25.73
CA ASN B 297 -9.00 27.53 24.43
C ASN B 297 -9.63 26.58 23.44
N GLY B 298 -9.98 25.36 23.86
CA GLY B 298 -10.49 24.37 22.93
C GLY B 298 -9.42 23.65 22.12
N GLU B 299 -8.14 23.89 22.39
CA GLU B 299 -7.04 23.25 21.67
C GLU B 299 -6.68 21.93 22.34
N VAL B 300 -6.59 20.86 21.53
CA VAL B 300 -6.06 19.58 22.00
C VAL B 300 -4.54 19.67 21.99
N THR B 301 -3.93 19.48 23.16
CA THR B 301 -2.50 19.68 23.34
C THR B 301 -1.76 18.44 23.78
N ASP B 302 -2.44 17.40 24.23
CA ASP B 302 -1.77 16.19 24.71
C ASP B 302 -2.72 15.02 24.55
N PHE B 303 -2.17 13.80 24.59
CA PHE B 303 -3.04 12.64 24.72
C PHE B 303 -2.28 11.48 25.31
N LEU B 304 -3.01 10.58 25.95
CA LEU B 304 -2.49 9.35 26.50
C LEU B 304 -3.31 8.20 25.92
N SER B 305 -2.70 7.01 25.87
CA SER B 305 -3.44 5.86 25.38
C SER B 305 -2.84 4.59 25.95
N PHE B 306 -3.69 3.58 26.13
CA PHE B 306 -3.26 2.27 26.59
C PHE B 306 -4.20 1.23 26.01
N TYR B 307 -3.67 0.02 25.75
CA TYR B 307 -4.52 -1.04 25.24
C TYR B 307 -4.75 -2.10 26.31
N THR B 308 -5.84 -2.85 26.11
CA THR B 308 -6.29 -3.88 27.03
C THR B 308 -5.79 -5.25 26.59
N LEU B 309 -5.11 -5.96 27.48
CA LEU B 309 -4.72 -7.34 27.20
C LEU B 309 -4.69 -8.13 28.49
N PRO B 310 -5.80 -8.80 28.83
CA PRO B 310 -5.82 -9.61 30.05
C PRO B 310 -4.97 -10.86 29.89
N SER B 311 -4.70 -11.53 31.01
CA SER B 311 -3.94 -12.77 31.04
C SER B 311 -4.72 -13.82 31.81
N THR B 312 -4.79 -15.04 31.28
CA THR B 312 -5.43 -16.11 32.01
C THR B 312 -4.51 -16.59 33.11
N ILE B 313 -5.08 -16.83 34.29
CA ILE B 313 -4.32 -17.35 35.43
C ILE B 313 -4.11 -18.84 35.18
N MET B 314 -2.92 -19.20 34.69
CA MET B 314 -2.69 -20.54 34.12
C MET B 314 -3.03 -21.65 35.10
N ASN B 315 -2.79 -21.44 36.40
CA ASN B 315 -3.15 -22.42 37.41
C ASN B 315 -4.62 -22.35 37.81
N HIS B 316 -5.39 -21.38 37.30
CA HIS B 316 -6.81 -21.24 37.57
C HIS B 316 -7.53 -20.92 36.26
N PRO B 317 -7.71 -21.93 35.39
CA PRO B 317 -8.16 -21.63 34.01
C PRO B 317 -9.47 -20.85 33.90
N THR B 318 -10.51 -21.21 34.64
CA THR B 318 -11.80 -20.55 34.52
C THR B 318 -12.12 -19.64 35.71
N HIS B 319 -11.19 -19.47 36.64
CA HIS B 319 -11.42 -18.69 37.85
C HIS B 319 -10.79 -17.30 37.71
N LYS B 320 -11.43 -16.49 36.86
CA LYS B 320 -11.12 -15.08 36.67
C LYS B 320 -9.76 -14.85 36.00
N SER B 321 -9.65 -13.75 35.26
CA SER B 321 -8.43 -13.40 34.55
C SER B 321 -7.84 -12.12 35.12
N LEU B 322 -6.53 -11.97 34.92
CA LEU B 322 -5.82 -10.76 35.30
C LEU B 322 -6.05 -9.69 34.23
N LYS B 323 -6.57 -8.53 34.62
CA LYS B 323 -6.88 -7.48 33.66
C LYS B 323 -5.75 -6.47 33.63
N ALA B 324 -4.99 -6.45 32.53
CA ALA B 324 -3.82 -5.59 32.38
C ALA B 324 -4.04 -4.51 31.32
N ALA B 325 -3.55 -3.31 31.61
CA ALA B 325 -3.48 -2.25 30.63
C ALA B 325 -2.03 -2.09 30.21
N TYR B 326 -1.82 -1.80 28.92
CA TYR B 326 -0.48 -1.60 28.38
C TYR B 326 -0.36 -0.20 27.81
N SER B 327 0.62 0.55 28.32
CA SER B 327 0.92 1.86 27.78
C SER B 327 1.15 1.77 26.27
N PHE B 328 0.50 2.67 25.51
CA PHE B 328 0.63 2.67 24.06
C PHE B 328 1.49 3.86 23.65
N TYR B 329 0.89 4.93 23.14
CA TYR B 329 1.64 6.15 22.79
C TYR B 329 1.12 7.31 23.63
N ASN B 330 2.03 8.04 24.28
CA ASN B 330 1.69 9.16 25.14
C ASN B 330 2.42 10.41 24.67
N VAL B 331 1.67 11.43 24.26
CA VAL B 331 2.21 12.63 23.64
C VAL B 331 1.87 13.82 24.53
N HIS B 332 2.89 14.62 24.85
CA HIS B 332 2.73 15.79 25.73
C HIS B 332 3.36 16.99 25.06
N THR B 333 2.61 18.11 24.97
CA THR B 333 3.19 19.38 24.53
C THR B 333 2.93 20.47 25.58
N GLN B 334 1.88 20.34 26.38
CA GLN B 334 1.59 21.33 27.41
C GLN B 334 1.44 20.73 28.80
N THR B 335 0.86 19.54 28.91
CA THR B 335 0.77 18.84 30.19
C THR B 335 2.05 18.07 30.45
N PRO B 336 2.64 18.16 31.65
CA PRO B 336 3.83 17.36 31.96
C PRO B 336 3.54 15.88 31.81
N LEU B 337 4.50 15.16 31.20
CA LEU B 337 4.33 13.73 30.97
C LEU B 337 4.02 13.01 32.27
N LEU B 338 4.66 13.45 33.36
CA LEU B 338 4.43 12.85 34.68
C LEU B 338 2.97 12.93 35.09
N ASP B 339 2.32 14.05 34.79
CA ASP B 339 0.90 14.21 35.15
C ASP B 339 0.01 13.41 34.22
N LEU B 340 0.34 13.43 32.93
CA LEU B 340 -0.37 12.61 31.95
C LEU B 340 -0.40 11.15 32.37
N MET B 341 0.75 10.61 32.77
CA MET B 341 0.80 9.19 33.10
C MET B 341 0.11 8.90 34.42
N SER B 342 0.21 9.82 35.38
CA SER B 342 -0.55 9.66 36.61
C SER B 342 -2.05 9.64 36.31
N ASP B 343 -2.50 10.46 35.37
CA ASP B 343 -3.89 10.39 34.95
C ASP B 343 -4.19 9.08 34.24
N ALA B 344 -3.25 8.55 33.46
CA ALA B 344 -3.46 7.25 32.82
C ALA B 344 -3.68 6.18 33.88
N LEU B 345 -2.83 6.17 34.93
CA LEU B 345 -3.00 5.21 36.01
C LEU B 345 -4.37 5.35 36.65
N VAL B 346 -4.80 6.59 36.92
CA VAL B 346 -6.10 6.82 37.54
C VAL B 346 -7.22 6.29 36.66
N LEU B 347 -7.15 6.56 35.35
CA LEU B 347 -8.20 6.10 34.44
C LEU B 347 -8.22 4.58 34.32
N ALA B 348 -7.04 3.95 34.33
CA ALA B 348 -7.04 2.49 34.28
C ALA B 348 -7.63 1.92 35.56
N LYS B 349 -7.28 2.49 36.72
CA LYS B 349 -7.90 2.07 37.97
C LYS B 349 -9.43 2.14 37.87
N MET B 350 -9.96 3.29 37.44
CA MET B 350 -11.41 3.46 37.31
C MET B 350 -12.03 2.42 36.40
N LYS B 351 -11.37 2.11 35.28
CA LYS B 351 -11.90 1.14 34.34
C LYS B 351 -11.69 -0.31 34.79
N GLY B 352 -11.21 -0.53 36.01
CA GLY B 352 -11.14 -1.87 36.55
C GLY B 352 -9.91 -2.67 36.23
N PHE B 353 -8.82 -2.05 35.77
CA PHE B 353 -7.60 -2.79 35.49
C PHE B 353 -6.87 -3.15 36.79
N ASP B 354 -6.22 -4.33 36.79
CA ASP B 354 -5.45 -4.75 37.97
C ASP B 354 -4.01 -4.24 37.96
N VAL B 355 -3.41 -4.09 36.78
CA VAL B 355 -2.03 -3.66 36.68
C VAL B 355 -1.88 -2.84 35.41
N PHE B 356 -0.94 -1.88 35.43
CA PHE B 356 -0.63 -1.01 34.31
C PHE B 356 0.81 -1.26 33.91
N ASN B 357 1.01 -1.73 32.68
CA ASN B 357 2.32 -2.10 32.17
C ASN B 357 2.84 -1.05 31.20
N ALA B 358 4.15 -0.80 31.26
CA ALA B 358 4.82 0.10 30.35
C ALA B 358 6.23 -0.40 30.12
N LEU B 359 6.74 -0.15 28.92
CA LEU B 359 8.13 -0.37 28.58
C LEU B 359 8.98 0.82 29.03
N ASP B 360 10.30 0.65 29.00
CA ASP B 360 11.19 1.75 29.31
C ASP B 360 11.62 2.53 28.07
N LEU B 361 10.84 2.48 26.98
CA LEU B 361 11.22 3.17 25.77
C LEU B 361 10.72 4.61 25.80
N MET B 362 10.94 5.32 24.68
CA MET B 362 10.64 6.74 24.56
C MET B 362 11.08 7.48 25.83
N GLU B 363 10.22 8.31 26.42
CA GLU B 363 10.64 9.03 27.62
C GLU B 363 10.18 8.36 28.91
N ASN B 364 9.86 7.07 28.87
CA ASN B 364 9.16 6.47 29.99
C ASN B 364 10.02 6.40 31.26
N LYS B 365 11.35 6.31 31.12
CA LYS B 365 12.20 6.26 32.31
C LYS B 365 12.06 7.50 33.19
N THR B 366 11.56 8.60 32.63
CA THR B 366 11.38 9.81 33.43
C THR B 366 10.24 9.69 34.42
N PHE B 367 9.29 8.77 34.23
CA PHE B 367 8.19 8.64 35.18
C PHE B 367 8.07 7.28 35.85
N LEU B 368 8.80 6.25 35.38
CA LEU B 368 8.52 4.89 35.85
C LEU B 368 8.69 4.75 37.36
N GLU B 369 9.85 5.14 37.90
CA GLU B 369 10.07 4.99 39.33
C GLU B 369 9.19 5.97 40.13
N LYS B 370 9.09 7.21 39.67
CA LYS B 370 8.27 8.20 40.37
C LYS B 370 6.83 7.72 40.57
N LEU B 371 6.25 7.06 39.56
CA LEU B 371 4.86 6.63 39.67
C LEU B 371 4.74 5.24 40.27
N LYS B 372 5.84 4.71 40.81
CA LYS B 372 5.86 3.47 41.58
C LYS B 372 5.69 2.23 40.71
N PHE B 373 6.17 2.29 39.47
CA PHE B 373 6.37 1.07 38.68
C PHE B 373 7.52 0.25 39.27
N GLY B 374 7.38 -1.06 39.24
CA GLY B 374 8.46 -1.98 39.61
C GLY B 374 8.94 -2.72 38.37
N ILE B 375 10.26 -2.93 38.28
CA ILE B 375 10.81 -3.48 37.06
C ILE B 375 10.43 -4.94 36.94
N GLY B 376 10.15 -5.37 35.71
CA GLY B 376 9.76 -6.74 35.46
C GLY B 376 10.97 -7.62 35.23
N ASP B 377 10.71 -8.90 35.02
CA ASP B 377 11.76 -9.81 34.59
C ASP B 377 11.73 -9.93 33.08
N GLY B 378 12.90 -10.14 32.50
CA GLY B 378 13.01 -10.38 31.07
C GLY B 378 12.88 -9.10 30.25
N ASN B 379 13.25 -9.23 28.99
CA ASN B 379 13.41 -8.10 28.09
C ASN B 379 12.39 -8.17 26.95
N LEU B 380 12.29 -7.07 26.22
CA LEU B 380 11.65 -7.05 24.92
C LEU B 380 12.68 -6.57 23.91
N GLN B 381 13.20 -7.49 23.11
CA GLN B 381 14.16 -7.17 22.05
C GLN B 381 13.43 -6.75 20.78
N TYR B 382 13.89 -5.65 20.17
CA TYR B 382 13.38 -5.16 18.90
C TYR B 382 14.33 -5.55 17.78
N TYR B 383 13.79 -5.95 16.62
CA TYR B 383 14.59 -6.42 15.49
C TYR B 383 14.12 -5.82 14.18
N LEU B 384 15.07 -5.69 13.26
CA LEU B 384 14.79 -5.37 11.87
C LEU B 384 15.29 -6.53 11.01
N TYR B 385 14.53 -6.87 9.99
CA TYR B 385 14.90 -7.89 9.03
C TYR B 385 15.36 -7.19 7.76
N ASN B 386 16.55 -7.56 7.28
CA ASN B 386 17.12 -7.03 6.05
C ASN B 386 17.38 -5.52 6.14
N TRP B 387 17.83 -5.07 7.30
CA TRP B 387 18.17 -3.66 7.47
C TRP B 387 19.24 -3.58 8.54
N LYS B 388 20.44 -3.23 8.13
CA LYS B 388 21.59 -3.22 9.03
C LYS B 388 21.83 -1.78 9.43
N CYS B 389 21.78 -1.51 10.73
CA CYS B 389 21.94 -0.17 11.25
C CYS B 389 22.45 -0.27 12.69
N PRO B 390 22.98 0.82 13.24
CA PRO B 390 23.46 0.76 14.64
C PRO B 390 22.32 0.49 15.60
N SER B 391 22.63 -0.21 16.68
CA SER B 391 21.63 -0.35 17.72
C SER B 391 21.42 0.99 18.41
N MET B 392 20.41 1.05 19.28
CA MET B 392 20.05 2.29 19.97
C MET B 392 19.60 1.94 21.37
N GLY B 393 19.69 2.93 22.27
CA GLY B 393 19.17 2.75 23.60
C GLY B 393 17.66 2.74 23.62
N ALA B 394 17.10 2.15 24.66
CA ALA B 394 15.64 2.01 24.75
C ALA B 394 14.93 3.35 24.61
N GLU B 395 15.54 4.43 25.07
CA GLU B 395 14.86 5.73 25.07
C GLU B 395 14.79 6.33 23.67
N LYS B 396 15.45 5.73 22.68
CA LYS B 396 15.35 6.17 21.31
C LYS B 396 14.38 5.33 20.50
N VAL B 397 13.90 4.23 21.05
CA VAL B 397 12.84 3.43 20.44
C VAL B 397 11.49 4.12 20.67
N GLY B 398 10.79 4.43 19.58
CA GLY B 398 9.49 5.05 19.62
C GLY B 398 8.45 4.23 18.88
N LEU B 399 8.48 2.92 19.06
CA LEU B 399 7.57 2.00 18.39
C LEU B 399 7.03 1.02 19.40
N VAL B 400 5.71 0.90 19.47
CA VAL B 400 5.05 -0.03 20.38
C VAL B 400 4.20 -0.99 19.55
N LEU B 401 4.37 -2.29 19.80
CA LEU B 401 3.73 -3.34 19.04
C LEU B 401 2.82 -4.18 19.93
N GLN B 402 1.62 -4.46 19.44
CA GLN B 402 0.58 -5.20 20.18
C GLN B 402 0.96 -6.62 20.56
N ALA C 1 -3.99 5.43 -22.07
CA ALA C 1 -4.63 5.80 -23.33
C ALA C 1 -5.00 7.29 -23.34
N LYS C 2 -6.14 7.63 -22.73
CA LYS C 2 -6.47 8.98 -22.25
C LYS C 2 -6.55 10.12 -23.27
N SER C 3 -5.79 10.03 -24.36
CA SER C 3 -5.82 11.04 -25.42
C SER C 3 -6.18 10.33 -26.71
N PHE C 4 -7.26 10.78 -27.34
CA PHE C 4 -7.74 10.11 -28.53
C PHE C 4 -7.06 10.69 -29.77
N SER C 5 -6.35 9.83 -30.48
CA SER C 5 -5.53 10.25 -31.61
C SER C 5 -6.05 9.62 -32.90
N LYS C 6 -5.56 10.17 -34.02
CA LYS C 6 -5.83 9.68 -35.36
C LYS C 6 -4.70 10.19 -36.24
N PRO C 7 -4.32 9.45 -37.29
CA PRO C 7 -3.14 9.85 -38.07
C PRO C 7 -3.29 11.25 -38.64
N ARG C 8 -2.30 12.10 -38.35
CA ARG C 8 -2.24 13.47 -38.87
C ARG C 8 -2.25 13.48 -40.39
#